data_5XDI
#
_entry.id   5XDI
#
_entity_poly.entity_id   1
_entity_poly.type   'polypeptide(L)'
_entity_poly.pdbx_seq_one_letter_code
;FQCGRQAGGARCSNGLCCSQFGYCGSTPPYCGAGQCQSQC
;
_entity_poly.pdbx_strand_id   A
#
# COMPACT_ATOMS: atom_id res chain seq x y z
N PHE A 1 -4.77 -5.13 -5.42
CA PHE A 1 -4.43 -3.68 -5.47
C PHE A 1 -5.67 -2.83 -5.28
N GLN A 2 -5.52 -1.75 -4.49
CA GLN A 2 -6.62 -0.83 -4.19
C GLN A 2 -6.15 0.62 -4.17
N CYS A 3 -4.94 0.82 -3.68
CA CYS A 3 -4.33 2.15 -3.56
C CYS A 3 -3.41 2.48 -4.74
N GLY A 4 -2.89 3.73 -4.74
CA GLY A 4 -1.95 4.20 -5.76
C GLY A 4 -2.51 4.25 -7.16
N ARG A 5 -1.60 4.40 -8.13
CA ARG A 5 -1.95 4.47 -9.56
C ARG A 5 -2.25 3.09 -10.16
N GLN A 6 -1.90 2.01 -9.42
CA GLN A 6 -2.14 0.63 -9.87
C GLN A 6 -3.64 0.37 -9.98
N ALA A 7 -4.40 1.24 -9.29
CA ALA A 7 -5.85 1.18 -9.24
C ALA A 7 -6.46 2.54 -9.60
N GLY A 8 -5.79 3.60 -9.15
CA GLY A 8 -6.26 4.96 -9.40
C GLY A 8 -5.87 5.91 -8.29
N GLY A 9 -6.56 5.77 -7.14
CA GLY A 9 -6.29 6.61 -5.97
C GLY A 9 -7.18 6.29 -4.79
N ALA A 10 -6.81 5.24 -4.03
CA ALA A 10 -7.59 4.81 -2.86
C ALA A 10 -6.67 4.36 -1.71
N ARG A 11 -7.28 3.81 -0.63
CA ARG A 11 -6.54 3.33 0.54
C ARG A 11 -7.15 2.02 1.04
N CYS A 12 -6.36 1.21 1.76
CA CYS A 12 -6.84 -0.10 2.27
C CYS A 12 -7.64 0.00 3.59
N SER A 13 -7.07 -0.49 4.70
CA SER A 13 -7.74 -0.50 6.01
C SER A 13 -7.81 0.89 6.65
N ASN A 14 -6.63 1.41 7.02
CA ASN A 14 -6.53 2.73 7.66
C ASN A 14 -5.32 3.48 7.11
N GLY A 15 -4.84 4.50 7.85
CA GLY A 15 -3.68 5.27 7.43
C GLY A 15 -2.38 4.51 7.63
N LEU A 16 -2.27 3.39 6.91
CA LEU A 16 -1.12 2.49 6.98
C LEU A 16 -0.03 2.91 5.98
N CYS A 17 0.13 2.13 4.90
CA CYS A 17 1.12 2.39 3.86
C CYS A 17 0.56 2.03 2.48
N CYS A 18 1.23 2.51 1.43
CA CYS A 18 0.81 2.24 0.06
C CYS A 18 2.03 1.96 -0.83
N SER A 19 2.10 0.72 -1.35
CA SER A 19 3.21 0.26 -2.19
C SER A 19 3.42 1.09 -3.45
N GLN A 20 4.69 1.08 -3.94
CA GLN A 20 5.15 1.84 -5.12
C GLN A 20 4.18 1.86 -6.29
N PHE A 21 3.54 0.72 -6.55
CA PHE A 21 2.57 0.58 -7.62
C PHE A 21 1.19 1.03 -7.17
N GLY A 22 0.85 0.65 -5.95
CA GLY A 22 -0.42 0.99 -5.36
C GLY A 22 -1.00 -0.15 -4.57
N TYR A 23 -0.18 -0.73 -3.70
CA TYR A 23 -0.63 -1.84 -2.86
C TYR A 23 -0.51 -1.47 -1.39
N CYS A 24 -1.65 -1.17 -0.79
CA CYS A 24 -1.72 -0.78 0.61
C CYS A 24 -1.92 -1.98 1.52
N GLY A 25 -1.37 -1.87 2.73
CA GLY A 25 -1.47 -2.94 3.71
C GLY A 25 -0.99 -2.51 5.07
N SER A 26 -1.03 -3.44 6.03
CA SER A 26 -0.60 -3.17 7.42
C SER A 26 0.07 -4.41 8.04
N THR A 27 0.22 -5.46 7.24
CA THR A 27 0.80 -6.72 7.71
C THR A 27 1.43 -7.60 6.59
N PRO A 28 0.92 -7.59 5.30
CA PRO A 28 1.50 -8.43 4.23
C PRO A 28 2.74 -7.79 3.57
N PRO A 29 3.33 -8.34 2.44
CA PRO A 29 4.50 -7.75 1.76
C PRO A 29 4.21 -6.37 1.13
N TYR A 30 3.60 -5.50 1.94
CA TYR A 30 3.24 -4.13 1.56
C TYR A 30 3.51 -3.22 2.76
N CYS A 31 3.39 -3.80 3.96
CA CYS A 31 3.62 -3.11 5.22
C CYS A 31 4.36 -4.04 6.19
N GLY A 32 5.67 -4.11 5.99
CA GLY A 32 6.52 -4.96 6.81
C GLY A 32 7.76 -5.35 6.05
N ALA A 33 7.56 -6.08 4.95
CA ALA A 33 8.63 -6.53 4.05
C ALA A 33 8.06 -6.89 2.69
N GLY A 34 8.27 -5.98 1.73
CA GLY A 34 7.76 -6.18 0.38
C GLY A 34 8.09 -5.02 -0.54
N GLN A 35 7.12 -4.13 -0.71
CA GLN A 35 7.27 -2.94 -1.56
C GLN A 35 6.66 -1.71 -0.89
N CYS A 36 7.08 -1.47 0.36
CA CYS A 36 6.60 -0.33 1.16
C CYS A 36 7.23 1.00 0.73
N GLN A 37 6.39 1.92 0.22
CA GLN A 37 6.85 3.24 -0.21
C GLN A 37 6.62 4.30 0.87
N SER A 38 5.40 4.32 1.45
CA SER A 38 5.03 5.28 2.47
C SER A 38 5.55 4.89 3.86
N GLN A 39 5.15 3.71 4.32
CA GLN A 39 5.55 3.19 5.63
C GLN A 39 5.84 1.69 5.57
N CYS A 40 6.69 1.22 6.49
CA CYS A 40 7.06 -0.20 6.56
C CYS A 40 6.96 -0.71 7.99
N PHE A 1 -4.27 -1.64 -7.06
CA PHE A 1 -5.12 -2.73 -6.50
C PHE A 1 -6.27 -2.14 -5.68
N GLN A 2 -5.91 -1.33 -4.69
CA GLN A 2 -6.88 -0.68 -3.79
C GLN A 2 -6.35 0.71 -3.36
N CYS A 3 -5.10 1.00 -3.73
CA CYS A 3 -4.44 2.27 -3.40
C CYS A 3 -3.47 2.67 -4.50
N GLY A 4 -3.05 3.95 -4.50
CA GLY A 4 -2.08 4.46 -5.47
C GLY A 4 -2.59 4.51 -6.91
N ARG A 5 -1.63 4.42 -7.85
CA ARG A 5 -1.91 4.47 -9.29
C ARG A 5 -2.25 3.08 -9.87
N GLN A 6 -1.96 2.01 -9.10
CA GLN A 6 -2.25 0.63 -9.53
C GLN A 6 -3.76 0.41 -9.64
N ALA A 7 -4.51 1.21 -8.88
CA ALA A 7 -5.96 1.17 -8.85
C ALA A 7 -6.56 2.28 -9.72
N GLY A 8 -5.87 3.42 -9.76
CA GLY A 8 -6.32 4.56 -10.55
C GLY A 8 -6.74 5.74 -9.69
N GLY A 9 -7.45 5.45 -8.60
CA GLY A 9 -7.93 6.50 -7.70
C GLY A 9 -8.72 5.94 -6.54
N ALA A 10 -8.13 4.99 -5.82
CA ALA A 10 -8.76 4.35 -4.67
C ALA A 10 -8.10 4.81 -3.35
N ARG A 11 -8.43 4.12 -2.23
CA ARG A 11 -7.89 4.46 -0.92
C ARG A 11 -7.55 3.19 -0.12
N CYS A 12 -6.55 3.32 0.77
CA CYS A 12 -6.09 2.21 1.61
C CYS A 12 -7.16 1.71 2.62
N SER A 13 -6.78 0.73 3.48
CA SER A 13 -7.70 0.17 4.48
C SER A 13 -7.86 1.13 5.65
N ASN A 14 -6.72 1.55 6.19
CA ASN A 14 -6.63 2.51 7.29
C ASN A 14 -5.45 3.45 7.02
N GLY A 15 -5.11 4.31 8.00
CA GLY A 15 -3.98 5.22 7.83
C GLY A 15 -2.67 4.48 8.05
N LEU A 16 -2.42 3.48 7.20
CA LEU A 16 -1.24 2.63 7.29
C LEU A 16 -0.16 2.95 6.23
N CYS A 17 -0.04 2.09 5.23
CA CYS A 17 0.98 2.22 4.17
C CYS A 17 0.43 1.88 2.79
N CYS A 18 1.14 2.32 1.75
CA CYS A 18 0.75 2.06 0.36
C CYS A 18 2.00 1.75 -0.48
N SER A 19 1.98 0.57 -1.12
CA SER A 19 3.11 0.06 -1.94
C SER A 19 3.34 0.88 -3.22
N GLN A 20 4.60 0.79 -3.72
CA GLN A 20 5.10 1.50 -4.92
C GLN A 20 4.11 1.61 -6.07
N PHE A 21 3.50 0.48 -6.42
CA PHE A 21 2.52 0.42 -7.50
C PHE A 21 1.16 0.93 -7.03
N GLY A 22 0.84 0.56 -5.81
CA GLY A 22 -0.42 0.95 -5.20
C GLY A 22 -1.07 -0.21 -4.50
N TYR A 23 -0.34 -0.80 -3.56
CA TYR A 23 -0.86 -1.93 -2.78
C TYR A 23 -0.91 -1.57 -1.31
N CYS A 24 -2.11 -1.68 -0.73
CA CYS A 24 -2.35 -1.35 0.66
C CYS A 24 -1.87 -2.45 1.61
N GLY A 25 -1.48 -2.03 2.82
CA GLY A 25 -1.01 -2.98 3.81
C GLY A 25 -0.39 -2.32 5.03
N SER A 26 -0.42 -3.07 6.12
CA SER A 26 0.13 -2.66 7.41
C SER A 26 0.76 -3.88 8.10
N THR A 27 0.68 -5.01 7.39
CA THR A 27 1.15 -6.30 7.91
C THR A 27 1.70 -7.26 6.82
N PRO A 28 1.15 -7.29 5.55
CA PRO A 28 1.61 -8.22 4.50
C PRO A 28 2.81 -7.67 3.68
N PRO A 29 3.29 -8.37 2.59
CA PRO A 29 4.41 -7.88 1.74
C PRO A 29 4.09 -6.56 0.99
N TYR A 30 3.61 -5.59 1.76
CA TYR A 30 3.26 -4.25 1.28
C TYR A 30 3.71 -3.23 2.32
N CYS A 31 3.69 -3.69 3.58
CA CYS A 31 4.11 -2.90 4.73
C CYS A 31 4.64 -3.82 5.82
N GLY A 32 5.94 -4.06 5.74
CA GLY A 32 6.63 -4.93 6.67
C GLY A 32 7.90 -5.46 6.04
N ALA A 33 7.73 -6.08 4.86
CA ALA A 33 8.83 -6.63 4.07
C ALA A 33 8.32 -7.00 2.68
N GLY A 34 8.54 -6.09 1.73
CA GLY A 34 8.11 -6.29 0.37
C GLY A 34 8.47 -5.13 -0.53
N GLN A 35 7.56 -4.14 -0.59
CA GLN A 35 7.75 -2.93 -1.40
C GLN A 35 7.08 -1.73 -0.74
N CYS A 36 7.54 -1.41 0.49
CA CYS A 36 6.99 -0.29 1.28
C CYS A 36 7.42 1.08 0.72
N GLN A 37 6.44 1.90 0.33
CA GLN A 37 6.68 3.25 -0.17
C GLN A 37 6.42 4.30 0.91
N SER A 38 5.26 4.19 1.58
CA SER A 38 4.86 5.13 2.63
C SER A 38 5.39 4.72 4.00
N GLN A 39 5.12 3.46 4.37
CA GLN A 39 5.54 2.90 5.65
C GLN A 39 5.82 1.41 5.53
N CYS A 40 6.62 0.88 6.46
CA CYS A 40 6.96 -0.56 6.47
C CYS A 40 6.79 -1.14 7.87
N PHE A 1 -4.49 -1.30 -7.53
CA PHE A 1 -5.90 -1.79 -7.52
C PHE A 1 -6.63 -1.35 -6.25
N GLN A 2 -5.90 -1.31 -5.14
CA GLN A 2 -6.46 -0.90 -3.85
C GLN A 2 -6.14 0.56 -3.55
N CYS A 3 -4.87 0.94 -3.79
CA CYS A 3 -4.38 2.31 -3.55
C CYS A 3 -3.08 2.54 -4.30
N GLY A 4 -2.97 3.70 -4.96
CA GLY A 4 -1.76 4.02 -5.71
C GLY A 4 -2.02 4.37 -7.16
N ARG A 5 -1.09 3.96 -8.03
CA ARG A 5 -1.18 4.24 -9.46
C ARG A 5 -1.73 3.05 -10.27
N GLN A 6 -1.75 1.84 -9.67
CA GLN A 6 -2.27 0.65 -10.34
C GLN A 6 -3.79 0.74 -10.51
N ALA A 7 -4.39 1.65 -9.73
CA ALA A 7 -5.82 1.90 -9.76
C ALA A 7 -6.12 3.27 -10.36
N GLY A 8 -5.20 4.22 -10.12
CA GLY A 8 -5.36 5.57 -10.63
C GLY A 8 -5.66 6.59 -9.53
N GLY A 9 -6.49 6.17 -8.57
CA GLY A 9 -6.88 7.05 -7.46
C GLY A 9 -7.84 6.37 -6.51
N ALA A 10 -7.29 5.62 -5.55
CA ALA A 10 -8.11 4.91 -4.55
C ALA A 10 -7.56 5.14 -3.13
N ARG A 11 -7.91 4.27 -2.17
CA ARG A 11 -7.45 4.41 -0.77
C ARG A 11 -7.07 3.05 -0.16
N CYS A 12 -6.34 3.10 0.96
CA CYS A 12 -5.86 1.90 1.66
C CYS A 12 -6.90 1.30 2.64
N SER A 13 -6.45 0.33 3.47
CA SER A 13 -7.31 -0.35 4.44
C SER A 13 -7.56 0.53 5.67
N ASN A 14 -6.47 0.95 6.31
CA ASN A 14 -6.50 1.81 7.49
C ASN A 14 -5.39 2.85 7.41
N GLY A 15 -5.09 3.54 8.53
CA GLY A 15 -4.03 4.52 8.57
C GLY A 15 -2.66 3.86 8.65
N LEU A 16 -2.38 3.03 7.64
CA LEU A 16 -1.14 2.26 7.56
C LEU A 16 -0.24 2.78 6.42
N CYS A 17 0.00 1.97 5.37
CA CYS A 17 0.85 2.35 4.25
C CYS A 17 0.25 1.86 2.92
N CYS A 18 0.92 2.20 1.81
CA CYS A 18 0.46 1.83 0.46
C CYS A 18 1.64 1.40 -0.40
N SER A 19 1.48 0.23 -1.05
CA SER A 19 2.51 -0.35 -1.91
C SER A 19 2.42 0.21 -3.34
N GLN A 20 3.59 0.22 -4.01
CA GLN A 20 3.77 0.76 -5.36
C GLN A 20 2.87 0.16 -6.46
N PHE A 21 2.20 -0.97 -6.19
CA PHE A 21 1.37 -1.60 -7.22
C PHE A 21 -0.11 -1.75 -6.83
N GLY A 22 -0.60 -0.83 -6.00
CA GLY A 22 -2.01 -0.85 -5.62
C GLY A 22 -2.32 -1.74 -4.45
N TYR A 23 -1.35 -1.85 -3.54
CA TYR A 23 -1.51 -2.67 -2.35
C TYR A 23 -1.39 -1.82 -1.09
N CYS A 24 -1.92 -2.35 0.01
CA CYS A 24 -1.88 -1.69 1.31
C CYS A 24 -1.84 -2.71 2.41
N GLY A 25 -1.31 -2.31 3.56
CA GLY A 25 -1.24 -3.23 4.68
C GLY A 25 -0.58 -2.64 5.90
N SER A 26 -0.44 -3.49 6.90
CA SER A 26 0.17 -3.16 8.19
C SER A 26 0.77 -4.42 8.80
N THR A 27 0.80 -5.48 7.98
CA THR A 27 1.26 -6.80 8.39
C THR A 27 1.97 -7.61 7.27
N PRO A 28 1.50 -7.60 5.98
CA PRO A 28 2.11 -8.40 4.89
C PRO A 28 3.19 -7.63 4.10
N PRO A 29 3.82 -8.23 3.01
CA PRO A 29 4.84 -7.55 2.16
C PRO A 29 4.33 -6.25 1.49
N TYR A 30 3.74 -5.39 2.32
CA TYR A 30 3.19 -4.09 1.90
C TYR A 30 3.55 -3.06 2.95
N CYS A 31 3.65 -3.53 4.21
CA CYS A 31 4.01 -2.69 5.35
C CYS A 31 5.09 -3.33 6.20
N GLY A 32 5.29 -4.62 6.00
CA GLY A 32 6.31 -5.31 6.75
C GLY A 32 7.31 -5.99 5.83
N ALA A 33 8.17 -5.17 5.20
CA ALA A 33 9.21 -5.63 4.26
C ALA A 33 8.58 -6.26 3.01
N GLY A 34 8.52 -5.47 1.94
CA GLY A 34 7.94 -5.94 0.69
C GLY A 34 8.01 -4.91 -0.42
N GLN A 35 6.88 -4.21 -0.63
CA GLN A 35 6.79 -3.19 -1.68
C GLN A 35 6.15 -1.90 -1.15
N CYS A 36 6.53 -1.52 0.08
CA CYS A 36 5.99 -0.31 0.74
C CYS A 36 6.46 1.00 0.11
N GLN A 37 5.49 1.79 -0.39
CA GLN A 37 5.78 3.08 -1.03
C GLN A 37 5.55 4.24 -0.03
N SER A 38 4.46 4.16 0.73
CA SER A 38 4.10 5.20 1.71
C SER A 38 4.97 5.13 2.97
N GLN A 39 4.87 4.01 3.68
CA GLN A 39 5.63 3.79 4.92
C GLN A 39 6.04 2.32 5.04
N CYS A 40 7.18 2.10 5.70
CA CYS A 40 7.70 0.74 5.90
C CYS A 40 7.93 0.47 7.39
N PHE A 1 -4.97 -5.17 -5.66
CA PHE A 1 -4.59 -3.73 -5.67
C PHE A 1 -5.82 -2.85 -5.49
N GLN A 2 -5.68 -1.82 -4.65
CA GLN A 2 -6.77 -0.87 -4.36
C GLN A 2 -6.26 0.56 -4.26
N CYS A 3 -5.03 0.71 -3.75
CA CYS A 3 -4.39 1.99 -3.53
C CYS A 3 -3.45 2.37 -4.69
N GLY A 4 -2.91 3.61 -4.62
CA GLY A 4 -1.96 4.13 -5.60
C GLY A 4 -2.48 4.22 -7.02
N ARG A 5 -1.55 4.37 -7.97
CA ARG A 5 -1.86 4.50 -9.39
C ARG A 5 -2.19 3.15 -10.04
N GLN A 6 -1.91 2.04 -9.33
CA GLN A 6 -2.20 0.69 -9.83
C GLN A 6 -3.71 0.51 -9.99
N ALA A 7 -4.45 1.38 -9.30
CA ALA A 7 -5.90 1.40 -9.30
C ALA A 7 -6.43 2.80 -9.61
N GLY A 8 -5.75 3.81 -9.06
CA GLY A 8 -6.13 5.20 -9.25
C GLY A 8 -5.73 6.07 -8.08
N GLY A 9 -6.43 5.88 -6.95
CA GLY A 9 -6.15 6.65 -5.74
C GLY A 9 -7.07 6.27 -4.58
N ALA A 10 -6.71 5.22 -3.84
CA ALA A 10 -7.51 4.74 -2.69
C ALA A 10 -6.60 4.21 -1.55
N ARG A 11 -7.24 3.69 -0.49
CA ARG A 11 -6.52 3.12 0.67
C ARG A 11 -7.22 1.83 1.14
N CYS A 12 -6.48 0.96 1.84
CA CYS A 12 -7.04 -0.31 2.34
C CYS A 12 -7.79 -0.18 3.67
N SER A 13 -7.05 -0.14 4.78
CA SER A 13 -7.65 -0.04 6.12
C SER A 13 -7.90 1.42 6.52
N ASN A 14 -7.07 1.98 7.41
CA ASN A 14 -7.21 3.36 7.87
C ASN A 14 -5.85 4.05 8.01
N GLY A 15 -5.39 4.65 6.90
CA GLY A 15 -4.11 5.37 6.87
C GLY A 15 -2.92 4.52 7.27
N LEU A 16 -2.77 3.36 6.63
CA LEU A 16 -1.67 2.44 6.92
C LEU A 16 -0.43 2.74 6.06
N CYS A 17 -0.23 1.91 5.04
CA CYS A 17 0.90 2.03 4.11
C CYS A 17 0.45 1.65 2.71
N CYS A 18 1.16 2.15 1.69
CA CYS A 18 0.81 1.87 0.30
C CYS A 18 2.05 1.62 -0.56
N SER A 19 2.05 0.46 -1.25
CA SER A 19 3.17 0.02 -2.10
C SER A 19 3.37 0.90 -3.33
N GLN A 20 4.63 0.89 -3.83
CA GLN A 20 5.08 1.68 -4.99
C GLN A 20 4.11 1.70 -6.17
N PHE A 21 3.48 0.56 -6.42
CA PHE A 21 2.52 0.41 -7.51
C PHE A 21 1.15 0.89 -7.08
N GLY A 22 0.80 0.55 -5.86
CA GLY A 22 -0.48 0.92 -5.29
C GLY A 22 -1.11 -0.22 -4.53
N TYR A 23 -0.34 -0.79 -3.62
CA TYR A 23 -0.83 -1.89 -2.79
C TYR A 23 -0.79 -1.48 -1.32
N CYS A 24 -1.97 -1.15 -0.79
CA CYS A 24 -2.11 -0.70 0.59
C CYS A 24 -2.09 -1.87 1.57
N GLY A 25 -1.25 -1.73 2.60
CA GLY A 25 -1.11 -2.74 3.62
C GLY A 25 -0.57 -2.19 4.92
N SER A 26 -0.49 -3.06 5.93
CA SER A 26 0.01 -2.70 7.26
C SER A 26 0.69 -3.90 7.93
N THR A 27 0.68 -5.04 7.22
CA THR A 27 1.23 -6.30 7.75
C THR A 27 1.75 -7.27 6.64
N PRO A 28 1.17 -7.32 5.38
CA PRO A 28 1.63 -8.24 4.32
C PRO A 28 2.84 -7.66 3.53
N PRO A 29 3.38 -8.39 2.48
CA PRO A 29 4.51 -7.89 1.63
C PRO A 29 4.22 -6.55 0.91
N TYR A 30 3.71 -5.60 1.69
CA TYR A 30 3.39 -4.25 1.22
C TYR A 30 3.79 -3.27 2.32
N CYS A 31 3.65 -3.75 3.57
CA CYS A 31 4.01 -3.00 4.76
C CYS A 31 4.56 -3.99 5.79
N GLY A 32 5.85 -4.27 5.66
CA GLY A 32 6.52 -5.21 6.53
C GLY A 32 7.34 -6.18 5.71
N ALA A 33 8.29 -5.62 4.93
CA ALA A 33 9.18 -6.36 4.02
C ALA A 33 8.43 -6.79 2.75
N GLY A 34 8.72 -6.08 1.66
CA GLY A 34 8.09 -6.34 0.38
C GLY A 34 8.28 -5.19 -0.58
N GLN A 35 7.39 -4.20 -0.51
CA GLN A 35 7.43 -3.02 -1.38
C GLN A 35 6.79 -1.82 -0.66
N CYS A 36 7.40 -1.41 0.47
CA CYS A 36 6.90 -0.29 1.27
C CYS A 36 7.40 1.07 0.74
N GLN A 37 6.43 1.92 0.32
CA GLN A 37 6.75 3.26 -0.18
C GLN A 37 6.52 4.31 0.92
N SER A 38 5.38 4.22 1.61
CA SER A 38 5.01 5.14 2.68
C SER A 38 5.48 4.67 4.05
N GLN A 39 5.05 3.46 4.42
CA GLN A 39 5.38 2.86 5.72
C GLN A 39 5.62 1.36 5.59
N CYS A 40 6.43 0.82 6.52
CA CYS A 40 6.75 -0.62 6.53
C CYS A 40 6.59 -1.20 7.93
N PHE A 1 -3.99 -1.94 -7.49
CA PHE A 1 -4.69 -3.04 -6.79
C PHE A 1 -5.89 -2.51 -6.00
N GLN A 2 -5.60 -1.65 -5.04
CA GLN A 2 -6.61 -1.02 -4.18
C GLN A 2 -6.19 0.39 -3.78
N CYS A 3 -4.93 0.74 -4.07
CA CYS A 3 -4.36 2.05 -3.74
C CYS A 3 -3.41 2.54 -4.85
N GLY A 4 -2.94 3.79 -4.71
CA GLY A 4 -1.99 4.38 -5.66
C GLY A 4 -2.51 4.49 -7.08
N ARG A 5 -1.62 4.19 -8.04
CA ARG A 5 -1.95 4.25 -9.46
C ARG A 5 -2.22 2.86 -10.05
N GLN A 6 -1.85 1.80 -9.29
CA GLN A 6 -2.05 0.40 -9.73
C GLN A 6 -3.55 0.09 -9.83
N ALA A 7 -4.35 0.92 -9.15
CA ALA A 7 -5.79 0.79 -9.11
C ALA A 7 -6.46 2.07 -9.61
N GLY A 8 -5.86 3.21 -9.28
CA GLY A 8 -6.40 4.50 -9.69
C GLY A 8 -6.15 5.58 -8.63
N GLY A 9 -6.83 5.43 -7.49
CA GLY A 9 -6.69 6.40 -6.39
C GLY A 9 -7.56 6.05 -5.20
N ALA A 10 -7.19 4.98 -4.47
CA ALA A 10 -7.96 4.54 -3.30
C ALA A 10 -7.04 4.10 -2.15
N ARG A 11 -7.64 3.59 -1.06
CA ARG A 11 -6.90 3.13 0.13
C ARG A 11 -7.54 1.84 0.68
N CYS A 12 -6.76 1.07 1.48
CA CYS A 12 -7.26 -0.20 2.04
C CYS A 12 -8.09 0.00 3.33
N SER A 13 -7.55 -0.45 4.49
CA SER A 13 -8.23 -0.37 5.79
C SER A 13 -8.30 1.08 6.29
N ASN A 14 -7.13 1.63 6.63
CA ASN A 14 -7.01 3.00 7.15
C ASN A 14 -5.77 3.66 6.54
N GLY A 15 -5.33 4.80 7.12
CA GLY A 15 -4.14 5.49 6.64
C GLY A 15 -2.87 4.78 7.07
N LEU A 16 -2.73 3.54 6.58
CA LEU A 16 -1.58 2.68 6.91
C LEU A 16 -0.38 2.93 5.98
N CYS A 17 -0.19 2.05 5.01
CA CYS A 17 0.92 2.11 4.06
C CYS A 17 0.44 1.74 2.67
N CYS A 18 1.12 2.25 1.64
CA CYS A 18 0.75 1.97 0.25
C CYS A 18 1.99 1.75 -0.61
N SER A 19 2.03 0.57 -1.26
CA SER A 19 3.15 0.15 -2.11
C SER A 19 3.36 1.03 -3.34
N GLN A 20 4.62 1.05 -3.81
CA GLN A 20 5.09 1.85 -4.97
C GLN A 20 4.14 1.84 -6.17
N PHE A 21 3.54 0.69 -6.44
CA PHE A 21 2.59 0.54 -7.55
C PHE A 21 1.21 1.00 -7.14
N GLY A 22 0.83 0.62 -5.93
CA GLY A 22 -0.46 0.99 -5.39
C GLY A 22 -1.09 -0.14 -4.60
N TYR A 23 -0.33 -0.71 -3.67
CA TYR A 23 -0.83 -1.79 -2.82
C TYR A 23 -0.79 -1.37 -1.35
N CYS A 24 -1.97 -1.04 -0.84
CA CYS A 24 -2.12 -0.59 0.54
C CYS A 24 -2.17 -1.75 1.53
N GLY A 25 -1.48 -1.56 2.65
CA GLY A 25 -1.42 -2.57 3.69
C GLY A 25 -0.81 -2.04 4.98
N SER A 26 -0.74 -2.91 5.98
CA SER A 26 -0.19 -2.57 7.31
C SER A 26 0.51 -3.78 7.94
N THR A 27 0.42 -4.93 7.26
CA THR A 27 0.98 -6.19 7.78
C THR A 27 1.47 -7.17 6.67
N PRO A 28 0.87 -7.24 5.43
CA PRO A 28 1.31 -8.18 4.39
C PRO A 28 2.51 -7.65 3.58
N PRO A 29 3.01 -8.38 2.50
CA PRO A 29 4.14 -7.90 1.65
C PRO A 29 3.86 -6.56 0.93
N TYR A 30 3.35 -5.60 1.70
CA TYR A 30 3.01 -4.26 1.23
C TYR A 30 3.42 -3.26 2.31
N CYS A 31 3.40 -3.76 3.57
CA CYS A 31 3.79 -2.98 4.74
C CYS A 31 4.42 -3.90 5.78
N GLY A 32 5.72 -4.09 5.63
CA GLY A 32 6.49 -4.94 6.53
C GLY A 32 7.78 -5.37 5.87
N ALA A 33 7.62 -6.06 4.72
CA ALA A 33 8.74 -6.53 3.91
C ALA A 33 8.24 -6.94 2.52
N GLY A 34 8.31 -5.98 1.60
CA GLY A 34 7.85 -6.21 0.24
C GLY A 34 8.18 -5.05 -0.67
N GLN A 35 7.29 -4.06 -0.71
CA GLN A 35 7.45 -2.86 -1.53
C GLN A 35 6.78 -1.66 -0.86
N CYS A 36 7.26 -1.33 0.35
CA CYS A 36 6.72 -0.21 1.13
C CYS A 36 7.28 1.15 0.68
N GLN A 37 6.35 2.06 0.32
CA GLN A 37 6.71 3.41 -0.12
C GLN A 37 6.44 4.43 0.99
N SER A 38 5.23 4.36 1.58
CA SER A 38 4.82 5.27 2.65
C SER A 38 5.31 4.82 4.03
N GLN A 39 4.98 3.58 4.37
CA GLN A 39 5.37 3.00 5.66
C GLN A 39 5.74 1.53 5.50
N CYS A 40 6.79 1.11 6.22
CA CYS A 40 7.26 -0.27 6.18
C CYS A 40 6.91 -1.01 7.47
N PHE A 1 -4.61 -2.27 -6.97
CA PHE A 1 -5.18 -3.39 -6.16
C PHE A 1 -6.26 -2.88 -5.21
N GLN A 2 -5.87 -1.93 -4.35
CA GLN A 2 -6.77 -1.32 -3.37
C GLN A 2 -6.40 0.15 -3.13
N CYS A 3 -5.18 0.53 -3.58
CA CYS A 3 -4.66 1.89 -3.43
C CYS A 3 -5.04 2.75 -4.65
N GLY A 4 -4.65 4.03 -4.60
CA GLY A 4 -4.97 4.95 -5.69
C GLY A 4 -3.89 5.06 -6.76
N ARG A 5 -2.96 4.10 -6.80
CA ARG A 5 -1.90 4.15 -7.80
C ARG A 5 -2.03 3.01 -8.82
N GLN A 6 -2.31 1.79 -8.35
CA GLN A 6 -2.49 0.63 -9.23
C GLN A 6 -3.91 0.68 -9.82
N ALA A 7 -4.68 1.64 -9.32
CA ALA A 7 -6.05 1.88 -9.72
C ALA A 7 -6.21 3.23 -10.42
N GLY A 8 -5.47 4.22 -9.92
CA GLY A 8 -5.52 5.56 -10.46
C GLY A 8 -6.12 6.57 -9.50
N GLY A 9 -6.92 6.07 -8.55
CA GLY A 9 -7.56 6.93 -7.56
C GLY A 9 -8.44 6.15 -6.58
N ALA A 10 -7.83 5.68 -5.50
CA ALA A 10 -8.52 4.91 -4.45
C ALA A 10 -7.89 5.18 -3.07
N ARG A 11 -8.30 4.43 -2.04
CA ARG A 11 -7.77 4.60 -0.69
C ARG A 11 -7.55 3.25 0.00
N CYS A 12 -6.59 3.22 0.94
CA CYS A 12 -6.23 2.00 1.68
C CYS A 12 -7.26 1.60 2.75
N SER A 13 -6.93 0.54 3.53
CA SER A 13 -7.81 0.01 4.59
C SER A 13 -7.88 0.95 5.79
N ASN A 14 -6.71 1.34 6.29
CA ASN A 14 -6.57 2.25 7.43
C ASN A 14 -5.41 3.23 7.19
N GLY A 15 -4.99 3.94 8.25
CA GLY A 15 -3.88 4.89 8.15
C GLY A 15 -2.53 4.19 8.11
N LEU A 16 -2.38 3.30 7.12
CA LEU A 16 -1.16 2.52 6.93
C LEU A 16 -0.29 3.10 5.79
N CYS A 17 0.05 2.28 4.78
CA CYS A 17 0.88 2.71 3.66
C CYS A 17 0.37 2.14 2.33
N CYS A 18 1.08 2.47 1.24
CA CYS A 18 0.72 2.03 -0.11
C CYS A 18 1.97 1.63 -0.89
N SER A 19 1.95 0.39 -1.44
CA SER A 19 3.07 -0.17 -2.20
C SER A 19 3.33 0.58 -3.51
N GLN A 20 4.57 0.44 -4.02
CA GLN A 20 5.07 1.11 -5.25
C GLN A 20 4.06 1.15 -6.40
N PHE A 21 3.40 0.04 -6.64
CA PHE A 21 2.41 -0.06 -7.73
C PHE A 21 1.04 0.44 -7.26
N GLY A 22 0.79 0.28 -5.98
CA GLY A 22 -0.46 0.69 -5.38
C GLY A 22 -1.11 -0.45 -4.63
N TYR A 23 -0.35 -1.04 -3.71
CA TYR A 23 -0.85 -2.15 -2.89
C TYR A 23 -0.80 -1.77 -1.42
N CYS A 24 -1.99 -1.63 -0.84
CA CYS A 24 -2.15 -1.24 0.56
C CYS A 24 -1.91 -2.39 1.52
N GLY A 25 -1.48 -2.05 2.74
CA GLY A 25 -1.23 -3.06 3.75
C GLY A 25 -0.71 -2.48 5.05
N SER A 26 -0.54 -3.36 6.03
CA SER A 26 -0.03 -3.01 7.38
C SER A 26 0.54 -4.26 8.05
N THR A 27 0.61 -5.35 7.26
CA THR A 27 1.07 -6.65 7.74
C THR A 27 1.79 -7.50 6.65
N PRO A 28 1.32 -7.50 5.35
CA PRO A 28 1.94 -8.31 4.28
C PRO A 28 3.11 -7.60 3.56
N PRO A 29 3.72 -8.20 2.47
CA PRO A 29 4.84 -7.56 1.70
C PRO A 29 4.42 -6.26 0.99
N TYR A 30 3.80 -5.36 1.76
CA TYR A 30 3.35 -4.06 1.31
C TYR A 30 3.63 -3.04 2.41
N CYS A 31 3.55 -3.54 3.66
CA CYS A 31 3.79 -2.75 4.86
C CYS A 31 4.34 -3.64 5.98
N GLY A 32 5.65 -3.77 5.98
CA GLY A 32 6.35 -4.59 6.95
C GLY A 32 7.69 -5.03 6.42
N ALA A 33 7.63 -5.72 5.27
CA ALA A 33 8.81 -6.21 4.55
C ALA A 33 8.41 -6.72 3.18
N GLY A 34 8.55 -5.85 2.18
CA GLY A 34 8.20 -6.20 0.82
C GLY A 34 8.43 -5.07 -0.15
N GLN A 35 7.39 -4.26 -0.39
CA GLN A 35 7.47 -3.13 -1.31
C GLN A 35 6.82 -1.88 -0.69
N CYS A 36 7.35 -1.46 0.47
CA CYS A 36 6.84 -0.27 1.18
C CYS A 36 7.31 1.04 0.55
N GLN A 37 6.34 1.84 0.05
CA GLN A 37 6.65 3.14 -0.55
C GLN A 37 6.42 4.28 0.45
N SER A 38 5.25 4.25 1.12
CA SER A 38 4.88 5.28 2.10
C SER A 38 5.41 4.97 3.50
N GLN A 39 5.10 3.78 3.98
CA GLN A 39 5.50 3.30 5.31
C GLN A 39 5.73 1.79 5.31
N CYS A 40 6.44 1.29 6.32
CA CYS A 40 6.72 -0.15 6.44
C CYS A 40 6.53 -0.62 7.89
N PHE A 1 -4.80 -5.26 -6.33
CA PHE A 1 -4.43 -3.85 -6.03
C PHE A 1 -5.67 -2.98 -5.92
N GLN A 2 -5.61 -1.97 -5.05
CA GLN A 2 -6.73 -1.04 -4.82
C GLN A 2 -6.24 0.39 -4.57
N CYS A 3 -5.05 0.49 -3.99
CA CYS A 3 -4.43 1.77 -3.64
C CYS A 3 -3.49 2.29 -4.74
N GLY A 4 -3.00 3.54 -4.54
CA GLY A 4 -2.05 4.19 -5.44
C GLY A 4 -2.52 4.35 -6.87
N ARG A 5 -1.55 4.52 -7.77
CA ARG A 5 -1.79 4.72 -9.21
C ARG A 5 -2.17 3.40 -9.91
N GLN A 6 -1.98 2.26 -9.22
CA GLN A 6 -2.32 0.94 -9.77
C GLN A 6 -3.82 0.85 -10.04
N ALA A 7 -4.56 1.74 -9.34
CA ALA A 7 -6.00 1.84 -9.43
C ALA A 7 -6.44 3.29 -9.68
N GLY A 8 -5.73 4.20 -9.03
CA GLY A 8 -6.02 5.63 -9.15
C GLY A 8 -5.66 6.40 -7.88
N GLY A 9 -6.37 6.09 -6.79
CA GLY A 9 -6.12 6.75 -5.51
C GLY A 9 -7.05 6.24 -4.41
N ALA A 10 -6.64 5.15 -3.75
CA ALA A 10 -7.44 4.55 -2.66
C ALA A 10 -6.55 4.01 -1.53
N ARG A 11 -7.20 3.51 -0.45
CA ARG A 11 -6.49 2.94 0.70
C ARG A 11 -7.21 1.69 1.21
N CYS A 12 -6.49 0.82 1.94
CA CYS A 12 -7.07 -0.43 2.46
C CYS A 12 -7.87 -0.23 3.77
N SER A 13 -7.33 -0.71 4.90
CA SER A 13 -7.99 -0.63 6.21
C SER A 13 -8.13 0.83 6.69
N ASN A 14 -6.98 1.44 6.97
CA ASN A 14 -6.90 2.83 7.43
C ASN A 14 -5.71 3.52 6.76
N GLY A 15 -5.26 4.66 7.32
CA GLY A 15 -4.11 5.37 6.78
C GLY A 15 -2.81 4.68 7.17
N LEU A 16 -2.68 3.43 6.72
CA LEU A 16 -1.53 2.57 7.01
C LEU A 16 -0.34 2.85 6.06
N CYS A 17 -0.14 1.94 5.10
CA CYS A 17 0.97 2.03 4.14
C CYS A 17 0.50 1.58 2.76
N CYS A 18 1.24 1.96 1.71
CA CYS A 18 0.88 1.59 0.33
C CYS A 18 2.13 1.34 -0.51
N SER A 19 2.08 0.26 -1.32
CA SER A 19 3.20 -0.17 -2.17
C SER A 19 3.42 0.73 -3.38
N GLN A 20 4.65 0.65 -3.93
CA GLN A 20 5.12 1.43 -5.10
C GLN A 20 4.11 1.52 -6.24
N PHE A 21 3.42 0.41 -6.50
CA PHE A 21 2.41 0.33 -7.56
C PHE A 21 1.08 0.88 -7.07
N GLY A 22 0.79 0.56 -5.82
CA GLY A 22 -0.45 0.99 -5.20
C GLY A 22 -1.12 -0.13 -4.45
N TYR A 23 -0.37 -0.73 -3.51
CA TYR A 23 -0.91 -1.82 -2.70
C TYR A 23 -0.88 -1.42 -1.23
N CYS A 24 -2.06 -1.10 -0.70
CA CYS A 24 -2.23 -0.68 0.69
C CYS A 24 -2.15 -1.85 1.66
N GLY A 25 -1.46 -1.62 2.78
CA GLY A 25 -1.28 -2.62 3.80
C GLY A 25 -0.67 -2.06 5.07
N SER A 26 -0.46 -2.94 6.06
CA SER A 26 0.12 -2.57 7.36
C SER A 26 0.87 -3.75 7.98
N THR A 27 0.84 -4.90 7.30
CA THR A 27 1.47 -6.13 7.80
C THR A 27 1.98 -7.09 6.68
N PRO A 28 1.35 -7.16 5.45
CA PRO A 28 1.79 -8.08 4.37
C PRO A 28 2.98 -7.51 3.57
N PRO A 29 3.45 -8.16 2.43
CA PRO A 29 4.56 -7.65 1.59
C PRO A 29 4.24 -6.30 0.91
N TYR A 30 3.72 -5.39 1.73
CA TYR A 30 3.35 -4.02 1.31
C TYR A 30 3.74 -3.06 2.42
N CYS A 31 3.76 -3.59 3.66
CA CYS A 31 4.14 -2.84 4.84
C CYS A 31 4.81 -3.77 5.86
N GLY A 32 6.12 -3.94 5.69
CA GLY A 32 6.90 -4.79 6.57
C GLY A 32 8.12 -5.31 5.85
N ALA A 33 7.87 -6.23 4.90
CA ALA A 33 8.92 -6.82 4.07
C ALA A 33 8.35 -7.24 2.72
N GLY A 34 8.47 -6.34 1.75
CA GLY A 34 7.95 -6.59 0.42
C GLY A 34 8.13 -5.41 -0.51
N GLN A 35 7.08 -4.58 -0.59
CA GLN A 35 7.09 -3.38 -1.44
C GLN A 35 6.56 -2.17 -0.66
N CYS A 36 7.17 -1.89 0.50
CA CYS A 36 6.76 -0.77 1.36
C CYS A 36 7.31 0.58 0.87
N GLN A 37 6.41 1.41 0.31
CA GLN A 37 6.77 2.75 -0.17
C GLN A 37 6.45 3.81 0.91
N SER A 38 5.19 3.80 1.37
CA SER A 38 4.73 4.74 2.38
C SER A 38 4.76 4.10 3.77
N GLN A 39 5.30 4.85 4.75
CA GLN A 39 5.41 4.41 6.17
C GLN A 39 6.01 2.98 6.30
N CYS A 40 7.29 2.93 6.64
CA CYS A 40 7.99 1.64 6.81
C CYS A 40 8.78 1.62 8.12
N PHE A 1 -5.25 -5.03 -4.92
CA PHE A 1 -4.89 -3.59 -4.83
C PHE A 1 -6.04 -2.78 -4.27
N GLN A 2 -5.71 -1.84 -3.37
CA GLN A 2 -6.71 -0.98 -2.72
C GLN A 2 -6.24 0.48 -2.62
N CYS A 3 -4.99 0.73 -3.04
CA CYS A 3 -4.40 2.08 -2.98
C CYS A 3 -4.74 2.89 -4.25
N GLY A 4 -4.58 4.23 -4.13
CA GLY A 4 -4.85 5.15 -5.23
C GLY A 4 -4.05 4.87 -6.49
N ARG A 5 -2.83 4.35 -6.33
CA ARG A 5 -1.96 4.01 -7.44
C ARG A 5 -2.17 2.56 -7.86
N GLN A 6 -1.77 2.21 -9.11
CA GLN A 6 -1.94 0.87 -9.72
C GLN A 6 -3.42 0.60 -10.03
N ALA A 7 -4.29 1.09 -9.14
CA ALA A 7 -5.74 0.96 -9.26
C ALA A 7 -6.32 2.13 -10.06
N GLY A 8 -5.67 3.29 -9.94
CA GLY A 8 -6.10 4.49 -10.64
C GLY A 8 -6.61 5.58 -9.70
N GLY A 9 -7.26 5.16 -8.60
CA GLY A 9 -7.80 6.11 -7.64
C GLY A 9 -8.53 5.44 -6.48
N ALA A 10 -7.92 4.39 -5.91
CA ALA A 10 -8.51 3.66 -4.78
C ALA A 10 -8.05 4.25 -3.43
N ARG A 11 -8.57 3.69 -2.32
CA ARG A 11 -8.22 4.16 -0.98
C ARG A 11 -8.04 2.98 -0.01
N CYS A 12 -6.92 3.00 0.70
CA CYS A 12 -6.55 1.94 1.68
C CYS A 12 -7.60 1.70 2.78
N SER A 13 -7.30 0.72 3.68
CA SER A 13 -8.18 0.36 4.79
C SER A 13 -8.19 1.44 5.86
N ASN A 14 -6.98 1.79 6.32
CA ASN A 14 -6.77 2.83 7.34
C ASN A 14 -5.53 3.65 6.97
N GLY A 15 -5.09 4.53 7.88
CA GLY A 15 -3.90 5.34 7.64
C GLY A 15 -2.63 4.52 7.82
N LEU A 16 -2.46 3.53 6.95
CA LEU A 16 -1.32 2.61 6.99
C LEU A 16 -0.21 3.01 6.00
N CYS A 17 0.09 2.14 5.02
CA CYS A 17 1.16 2.37 4.04
C CYS A 17 0.72 1.91 2.65
N CYS A 18 1.39 2.42 1.61
CA CYS A 18 1.05 2.07 0.21
C CYS A 18 2.31 1.85 -0.61
N SER A 19 2.31 0.70 -1.32
CA SER A 19 3.43 0.26 -2.16
C SER A 19 3.66 1.14 -3.39
N GLN A 20 4.91 1.12 -3.87
CA GLN A 20 5.39 1.91 -5.02
C GLN A 20 4.44 1.92 -6.23
N PHE A 21 3.78 0.80 -6.48
CA PHE A 21 2.84 0.68 -7.60
C PHE A 21 1.45 1.14 -7.20
N GLY A 22 1.10 0.86 -5.94
CA GLY A 22 -0.20 1.22 -5.41
C GLY A 22 -0.83 0.08 -4.65
N TYR A 23 -0.05 -0.53 -3.75
CA TYR A 23 -0.55 -1.63 -2.93
C TYR A 23 -0.46 -1.27 -1.45
N CYS A 24 -1.61 -0.97 -0.87
CA CYS A 24 -1.69 -0.57 0.54
C CYS A 24 -1.79 -1.76 1.47
N GLY A 25 -1.16 -1.61 2.63
CA GLY A 25 -1.15 -2.64 3.64
C GLY A 25 -0.58 -2.16 4.96
N SER A 26 -0.63 -3.06 5.94
CA SER A 26 -0.13 -2.79 7.30
C SER A 26 0.32 -4.10 7.93
N THR A 27 0.31 -5.17 7.12
CA THR A 27 0.65 -6.51 7.56
C THR A 27 1.18 -7.44 6.43
N PRO A 28 0.71 -7.33 5.14
CA PRO A 28 1.16 -8.22 4.06
C PRO A 28 2.40 -7.67 3.30
N PRO A 29 2.89 -8.35 2.20
CA PRO A 29 4.07 -7.87 1.41
C PRO A 29 3.80 -6.53 0.68
N TYR A 30 3.33 -5.56 1.46
CA TYR A 30 3.03 -4.19 0.96
C TYR A 30 3.49 -3.21 2.04
N CYS A 31 3.40 -3.66 3.30
CA CYS A 31 3.84 -2.90 4.46
C CYS A 31 4.25 -3.85 5.57
N GLY A 32 5.53 -4.17 5.55
CA GLY A 32 6.13 -5.09 6.49
C GLY A 32 7.41 -5.67 5.91
N ALA A 33 7.29 -6.13 4.65
CA ALA A 33 8.41 -6.69 3.89
C ALA A 33 7.94 -7.01 2.46
N GLY A 34 8.23 -6.08 1.55
CA GLY A 34 7.82 -6.23 0.17
C GLY A 34 8.25 -5.06 -0.69
N GLN A 35 7.35 -4.07 -0.80
CA GLN A 35 7.59 -2.86 -1.60
C GLN A 35 6.97 -1.63 -0.91
N CYS A 36 7.42 -1.39 0.33
CA CYS A 36 6.93 -0.26 1.14
C CYS A 36 7.47 1.10 0.67
N GLN A 37 6.56 2.01 0.29
CA GLN A 37 6.93 3.36 -0.15
C GLN A 37 6.67 4.38 0.96
N SER A 38 5.47 4.33 1.56
CA SER A 38 5.06 5.25 2.63
C SER A 38 5.60 4.82 4.00
N GLN A 39 5.26 3.59 4.39
CA GLN A 39 5.68 3.02 5.67
C GLN A 39 6.00 1.55 5.52
N CYS A 40 6.91 1.05 6.37
CA CYS A 40 7.33 -0.35 6.35
C CYS A 40 7.21 -0.97 7.73
N PHE A 1 -3.40 -1.49 -6.78
CA PHE A 1 -4.56 -2.41 -6.64
C PHE A 1 -5.65 -1.79 -5.77
N GLN A 2 -5.22 -1.05 -4.76
CA GLN A 2 -6.13 -0.40 -3.81
C GLN A 2 -5.72 1.04 -3.46
N CYS A 3 -4.56 1.50 -3.97
CA CYS A 3 -4.07 2.87 -3.68
C CYS A 3 -3.05 3.37 -4.69
N GLY A 4 -3.33 4.53 -5.28
CA GLY A 4 -2.40 5.15 -6.23
C GLY A 4 -2.69 4.81 -7.67
N ARG A 5 -1.60 4.68 -8.46
CA ARG A 5 -1.72 4.37 -9.88
C ARG A 5 -1.74 2.86 -10.13
N GLN A 6 -2.97 2.38 -10.33
CA GLN A 6 -3.30 0.98 -10.59
C GLN A 6 -4.78 0.93 -10.91
N ALA A 7 -5.50 1.84 -10.22
CA ALA A 7 -6.94 2.03 -10.36
C ALA A 7 -7.24 3.44 -10.84
N GLY A 8 -6.27 4.34 -10.61
CA GLY A 8 -6.41 5.75 -11.00
C GLY A 8 -6.56 6.65 -9.80
N GLY A 9 -7.23 6.15 -8.76
CA GLY A 9 -7.47 6.91 -7.54
C GLY A 9 -8.27 6.11 -6.51
N ALA A 10 -7.56 5.45 -5.60
CA ALA A 10 -8.19 4.64 -4.55
C ALA A 10 -7.65 4.98 -3.15
N ARG A 11 -8.07 4.20 -2.13
CA ARG A 11 -7.64 4.41 -0.75
C ARG A 11 -7.36 3.08 -0.05
N CYS A 12 -6.52 3.12 1.00
CA CYS A 12 -6.13 1.93 1.76
C CYS A 12 -7.19 1.48 2.78
N SER A 13 -6.84 0.47 3.61
CA SER A 13 -7.76 -0.09 4.62
C SER A 13 -7.86 0.83 5.85
N ASN A 14 -6.69 1.17 6.39
CA ASN A 14 -6.58 2.04 7.56
C ASN A 14 -5.39 3.00 7.39
N GLY A 15 -5.01 3.69 8.48
CA GLY A 15 -3.87 4.61 8.42
C GLY A 15 -2.55 3.87 8.47
N LEU A 16 -2.35 3.00 7.48
CA LEU A 16 -1.15 2.17 7.37
C LEU A 16 -0.19 2.72 6.29
N CYS A 17 0.07 1.93 5.23
CA CYS A 17 0.97 2.33 4.15
C CYS A 17 0.41 1.92 2.77
N CYS A 18 1.11 2.35 1.71
CA CYS A 18 0.73 2.05 0.33
C CYS A 18 1.97 1.71 -0.48
N SER A 19 1.99 0.49 -1.04
CA SER A 19 3.12 -0.01 -1.82
C SER A 19 3.16 0.55 -3.24
N GLN A 20 4.36 0.47 -3.86
CA GLN A 20 4.68 0.99 -5.20
C GLN A 20 3.61 0.78 -6.28
N PHE A 21 2.93 -0.35 -6.24
CA PHE A 21 1.92 -0.63 -7.27
C PHE A 21 0.51 -0.82 -6.70
N GLY A 22 0.16 0.00 -5.71
CA GLY A 22 -1.17 -0.02 -5.14
C GLY A 22 -1.43 -1.18 -4.21
N TYR A 23 -0.48 -1.42 -3.32
CA TYR A 23 -0.63 -2.51 -2.36
C TYR A 23 -0.62 -2.00 -0.94
N CYS A 24 -1.83 -1.90 -0.38
CA CYS A 24 -2.03 -1.43 0.99
C CYS A 24 -1.84 -2.56 1.97
N GLY A 25 -1.32 -2.22 3.15
CA GLY A 25 -1.10 -3.24 4.15
C GLY A 25 -0.60 -2.71 5.46
N SER A 26 -0.56 -3.60 6.44
CA SER A 26 -0.10 -3.33 7.81
C SER A 26 0.38 -4.64 8.41
N THR A 27 0.50 -5.67 7.55
CA THR A 27 0.87 -7.02 7.95
C THR A 27 1.68 -7.80 6.88
N PRO A 28 1.38 -7.70 5.54
CA PRO A 28 2.08 -8.46 4.48
C PRO A 28 3.28 -7.68 3.87
N PRO A 29 3.99 -8.24 2.81
CA PRO A 29 5.12 -7.54 2.14
C PRO A 29 4.70 -6.21 1.45
N TYR A 30 4.05 -5.36 2.25
CA TYR A 30 3.57 -4.04 1.82
C TYR A 30 3.83 -3.04 2.94
N CYS A 31 3.75 -3.56 4.18
CA CYS A 31 4.00 -2.77 5.39
C CYS A 31 4.97 -3.45 6.31
N GLY A 32 5.12 -4.75 6.14
CA GLY A 32 6.03 -5.50 6.95
C GLY A 32 7.04 -6.24 6.12
N ALA A 33 8.03 -5.48 5.59
CA ALA A 33 9.10 -6.00 4.72
C ALA A 33 8.55 -6.52 3.40
N GLY A 34 8.74 -5.73 2.34
CA GLY A 34 8.26 -6.10 1.02
C GLY A 34 8.47 -5.02 -0.01
N GLN A 35 7.41 -4.25 -0.29
CA GLN A 35 7.44 -3.18 -1.29
C GLN A 35 6.81 -1.89 -0.73
N CYS A 36 7.14 -1.55 0.52
CA CYS A 36 6.61 -0.37 1.21
C CYS A 36 7.15 0.95 0.62
N GLN A 37 6.25 1.73 -0.01
CA GLN A 37 6.59 3.02 -0.60
C GLN A 37 6.27 4.18 0.37
N SER A 38 5.07 4.13 0.97
CA SER A 38 4.60 5.16 1.90
C SER A 38 5.30 5.07 3.26
N GLN A 39 5.11 3.93 3.92
CA GLN A 39 5.70 3.67 5.25
C GLN A 39 6.06 2.21 5.40
N CYS A 40 7.16 1.95 6.12
CA CYS A 40 7.65 0.59 6.36
C CYS A 40 7.58 0.25 7.85
N PHE A 1 -4.64 -4.86 -4.32
CA PHE A 1 -4.26 -3.45 -4.03
C PHE A 1 -5.47 -2.52 -4.12
N GLN A 2 -5.41 -1.41 -3.38
CA GLN A 2 -6.49 -0.42 -3.34
C GLN A 2 -5.92 1.00 -3.15
N CYS A 3 -4.74 1.25 -3.72
CA CYS A 3 -4.05 2.54 -3.60
C CYS A 3 -3.22 2.86 -4.85
N GLY A 4 -2.82 4.12 -4.98
CA GLY A 4 -1.97 4.57 -6.08
C GLY A 4 -2.62 4.53 -7.47
N ARG A 5 -1.77 4.36 -8.48
CA ARG A 5 -2.20 4.31 -9.88
C ARG A 5 -2.53 2.89 -10.36
N GLN A 6 -2.12 1.86 -9.59
CA GLN A 6 -2.39 0.45 -9.94
C GLN A 6 -3.91 0.21 -10.04
N ALA A 7 -4.65 1.01 -9.26
CA ALA A 7 -6.09 0.95 -9.20
C ALA A 7 -6.73 2.09 -9.98
N GLY A 8 -6.09 3.27 -9.92
CA GLY A 8 -6.59 4.45 -10.61
C GLY A 8 -6.96 5.57 -9.65
N GLY A 9 -7.63 5.20 -8.55
CA GLY A 9 -8.05 6.18 -7.55
C GLY A 9 -8.80 5.54 -6.40
N ALA A 10 -8.04 4.86 -5.52
CA ALA A 10 -8.62 4.18 -4.35
C ALA A 10 -7.87 4.57 -3.07
N ARG A 11 -8.32 4.01 -1.92
CA ARG A 11 -7.70 4.29 -0.62
C ARG A 11 -7.61 3.02 0.23
N CYS A 12 -6.61 3.00 1.13
CA CYS A 12 -6.37 1.84 2.02
C CYS A 12 -7.41 1.69 3.13
N SER A 13 -7.29 0.57 3.90
CA SER A 13 -8.19 0.26 5.02
C SER A 13 -8.20 1.37 6.07
N ASN A 14 -7.00 1.73 6.51
CA ASN A 14 -6.78 2.79 7.50
C ASN A 14 -5.55 3.60 7.10
N GLY A 15 -5.08 4.47 8.01
CA GLY A 15 -3.88 5.27 7.72
C GLY A 15 -2.61 4.44 7.89
N LEU A 16 -2.52 3.38 7.08
CA LEU A 16 -1.40 2.44 7.12
C LEU A 16 -0.27 2.82 6.15
N CYS A 17 -0.03 1.98 5.13
CA CYS A 17 1.05 2.18 4.17
C CYS A 17 0.59 1.83 2.75
N CYS A 18 1.32 2.31 1.74
CA CYS A 18 0.99 2.07 0.34
C CYS A 18 2.25 1.79 -0.48
N SER A 19 2.27 0.61 -1.13
CA SER A 19 3.41 0.17 -1.96
C SER A 19 3.61 1.03 -3.21
N GLN A 20 4.84 0.97 -3.75
CA GLN A 20 5.29 1.73 -4.94
C GLN A 20 4.30 1.74 -6.11
N PHE A 21 3.63 0.62 -6.30
CA PHE A 21 2.66 0.48 -7.38
C PHE A 21 1.26 0.91 -6.95
N GLY A 22 1.05 0.93 -5.65
CA GLY A 22 -0.23 1.31 -5.10
C GLY A 22 -0.92 0.15 -4.42
N TYR A 23 -0.23 -0.46 -3.46
CA TYR A 23 -0.77 -1.59 -2.71
C TYR A 23 -0.89 -1.26 -1.24
N CYS A 24 -2.05 -1.57 -0.68
CA CYS A 24 -2.35 -1.30 0.72
C CYS A 24 -1.96 -2.46 1.62
N GLY A 25 -1.25 -2.12 2.70
CA GLY A 25 -0.82 -3.12 3.65
C GLY A 25 -0.38 -2.53 4.97
N SER A 26 -0.60 -3.32 6.01
CA SER A 26 -0.26 -2.97 7.40
C SER A 26 0.16 -4.25 8.12
N THR A 27 0.23 -5.33 7.34
CA THR A 27 0.54 -6.68 7.83
C THR A 27 1.17 -7.58 6.74
N PRO A 28 0.84 -7.42 5.41
CA PRO A 28 1.38 -8.28 4.33
C PRO A 28 2.64 -7.69 3.65
N PRO A 29 3.26 -8.38 2.61
CA PRO A 29 4.45 -7.87 1.88
C PRO A 29 4.21 -6.53 1.14
N TYR A 30 3.74 -5.54 1.90
CA TYR A 30 3.47 -4.18 1.41
C TYR A 30 3.92 -3.21 2.48
N CYS A 31 3.75 -3.64 3.74
CA CYS A 31 4.16 -2.88 4.91
C CYS A 31 4.80 -3.80 5.96
N GLY A 32 5.20 -4.97 5.50
CA GLY A 32 5.85 -5.95 6.33
C GLY A 32 6.87 -6.73 5.54
N ALA A 33 7.84 -5.98 4.97
CA ALA A 33 8.93 -6.50 4.13
C ALA A 33 8.38 -6.95 2.76
N GLY A 34 8.45 -6.03 1.80
CA GLY A 34 7.97 -6.28 0.45
C GLY A 34 8.29 -5.13 -0.47
N GLN A 35 7.46 -4.10 -0.43
CA GLN A 35 7.62 -2.89 -1.26
C GLN A 35 6.98 -1.68 -0.57
N CYS A 36 7.54 -1.28 0.58
CA CYS A 36 7.03 -0.15 1.36
C CYS A 36 7.55 1.21 0.85
N GLN A 37 6.60 2.05 0.40
CA GLN A 37 6.92 3.39 -0.09
C GLN A 37 6.56 4.44 0.96
N SER A 38 5.34 4.33 1.52
CA SER A 38 4.83 5.26 2.54
C SER A 38 5.38 4.94 3.92
N GLN A 39 5.22 3.69 4.33
CA GLN A 39 5.68 3.21 5.64
C GLN A 39 6.13 1.75 5.57
N CYS A 40 7.23 1.44 6.26
CA CYS A 40 7.78 0.09 6.28
C CYS A 40 7.48 -0.60 7.62
N PHE A 1 -3.90 -2.02 -7.59
CA PHE A 1 -4.62 -3.18 -6.98
C PHE A 1 -5.83 -2.69 -6.18
N GLN A 2 -5.56 -1.82 -5.22
CA GLN A 2 -6.58 -1.23 -4.34
C GLN A 2 -6.20 0.20 -3.95
N CYS A 3 -4.90 0.51 -4.06
CA CYS A 3 -4.36 1.83 -3.69
C CYS A 3 -3.41 2.33 -4.78
N GLY A 4 -2.95 3.59 -4.63
CA GLY A 4 -2.01 4.20 -5.57
C GLY A 4 -2.51 4.30 -7.00
N ARG A 5 -1.57 4.37 -7.93
CA ARG A 5 -1.87 4.48 -9.37
C ARG A 5 -2.19 3.11 -10.00
N GLN A 6 -1.89 2.02 -9.28
CA GLN A 6 -2.15 0.65 -9.76
C GLN A 6 -3.67 0.42 -9.84
N ALA A 7 -4.40 1.26 -9.10
CA ALA A 7 -5.86 1.21 -9.03
C ALA A 7 -6.48 2.56 -9.40
N GLY A 8 -5.78 3.63 -9.02
CA GLY A 8 -6.24 4.99 -9.30
C GLY A 8 -5.87 5.97 -8.20
N GLY A 9 -6.52 5.82 -7.04
CA GLY A 9 -6.26 6.68 -5.90
C GLY A 9 -7.11 6.32 -4.69
N ALA A 10 -6.73 5.26 -3.97
CA ALA A 10 -7.47 4.80 -2.78
C ALA A 10 -6.52 4.34 -1.66
N ARG A 11 -7.11 3.87 -0.54
CA ARG A 11 -6.34 3.38 0.62
C ARG A 11 -7.00 2.13 1.20
N CYS A 12 -6.22 1.31 1.93
CA CYS A 12 -6.74 0.06 2.52
C CYS A 12 -7.55 0.28 3.82
N SER A 13 -6.97 -0.11 4.97
CA SER A 13 -7.65 -0.02 6.26
C SER A 13 -7.45 1.35 6.93
N ASN A 14 -6.49 1.43 7.85
CA ASN A 14 -6.19 2.66 8.60
C ASN A 14 -5.03 3.41 7.95
N GLY A 15 -4.44 4.36 8.71
CA GLY A 15 -3.32 5.15 8.21
C GLY A 15 -2.03 4.34 8.14
N LEU A 16 -2.03 3.37 7.22
CA LEU A 16 -0.90 2.47 7.01
C LEU A 16 0.04 3.03 5.91
N CYS A 17 0.36 2.21 4.91
CA CYS A 17 1.24 2.61 3.81
C CYS A 17 0.74 2.07 2.47
N CYS A 18 1.37 2.50 1.38
CA CYS A 18 0.96 2.08 0.04
C CYS A 18 2.19 1.80 -0.83
N SER A 19 2.19 0.60 -1.45
CA SER A 19 3.29 0.12 -2.29
C SER A 19 3.49 0.92 -3.57
N GLN A 20 4.76 0.88 -4.06
CA GLN A 20 5.26 1.58 -5.28
C GLN A 20 4.26 1.63 -6.43
N PHE A 21 3.58 0.51 -6.69
CA PHE A 21 2.59 0.44 -7.76
C PHE A 21 1.23 0.93 -7.29
N GLY A 22 0.90 0.51 -6.08
CA GLY A 22 -0.36 0.88 -5.47
C GLY A 22 -0.96 -0.26 -4.69
N TYR A 23 -0.16 -0.85 -3.80
CA TYR A 23 -0.62 -1.95 -2.96
C TYR A 23 -0.54 -1.57 -1.49
N CYS A 24 -1.71 -1.33 -0.91
CA CYS A 24 -1.81 -0.94 0.49
C CYS A 24 -2.01 -2.14 1.40
N GLY A 25 -1.51 -2.02 2.62
CA GLY A 25 -1.63 -3.09 3.61
C GLY A 25 -1.18 -2.64 4.98
N SER A 26 -1.10 -3.61 5.91
CA SER A 26 -0.68 -3.33 7.29
C SER A 26 -0.05 -4.59 7.93
N THR A 27 0.02 -5.66 7.14
CA THR A 27 0.53 -6.95 7.59
C THR A 27 1.31 -7.70 6.49
N PRO A 28 0.91 -7.60 5.19
CA PRO A 28 1.57 -8.33 4.10
C PRO A 28 2.77 -7.56 3.52
N PRO A 29 3.51 -8.15 2.52
CA PRO A 29 4.67 -7.50 1.87
C PRO A 29 4.32 -6.17 1.15
N TYR A 30 3.64 -5.30 1.90
CA TYR A 30 3.23 -3.96 1.43
C TYR A 30 3.42 -2.97 2.56
N CYS A 31 3.27 -3.49 3.80
CA CYS A 31 3.42 -2.72 5.02
C CYS A 31 4.07 -3.56 6.12
N GLY A 32 5.39 -3.61 6.06
CA GLY A 32 6.18 -4.37 7.01
C GLY A 32 7.50 -4.80 6.38
N ALA A 33 7.38 -5.61 5.33
CA ALA A 33 8.53 -6.12 4.57
C ALA A 33 8.08 -6.58 3.18
N GLY A 34 8.37 -5.74 2.18
CA GLY A 34 7.99 -6.05 0.81
C GLY A 34 8.31 -4.92 -0.15
N GLN A 35 7.27 -4.17 -0.52
CA GLN A 35 7.40 -3.03 -1.45
C GLN A 35 6.70 -1.80 -0.86
N CYS A 36 7.00 -1.50 0.41
CA CYS A 36 6.43 -0.35 1.11
C CYS A 36 7.13 0.96 0.74
N GLN A 37 6.36 1.88 0.15
CA GLN A 37 6.88 3.19 -0.27
C GLN A 37 6.42 4.30 0.67
N SER A 38 5.12 4.32 1.00
CA SER A 38 4.52 5.34 1.86
C SER A 38 4.82 5.10 3.35
N GLN A 39 4.11 5.85 4.22
CA GLN A 39 4.27 5.78 5.68
C GLN A 39 4.14 4.35 6.25
N CYS A 40 5.29 3.74 6.51
CA CYS A 40 5.35 2.37 7.05
C CYS A 40 5.52 2.41 8.57
N PHE A 1 -5.67 -5.07 -5.34
CA PHE A 1 -5.17 -3.71 -5.06
C PHE A 1 -6.28 -2.84 -4.48
N GLN A 2 -5.89 -1.87 -3.64
CA GLN A 2 -6.84 -0.96 -2.99
C GLN A 2 -6.31 0.48 -2.92
N CYS A 3 -5.03 0.66 -3.30
CA CYS A 3 -4.38 1.98 -3.28
C CYS A 3 -4.70 2.78 -4.55
N GLY A 4 -4.27 4.05 -4.58
CA GLY A 4 -4.54 4.91 -5.72
C GLY A 4 -3.45 4.95 -6.78
N ARG A 5 -2.55 3.97 -6.80
CA ARG A 5 -1.48 3.96 -7.80
C ARG A 5 -1.75 2.92 -8.88
N GLN A 6 -2.19 1.73 -8.44
CA GLN A 6 -2.51 0.63 -9.36
C GLN A 6 -3.94 0.78 -9.87
N ALA A 7 -4.75 1.52 -9.08
CA ALA A 7 -6.14 1.79 -9.41
C ALA A 7 -6.29 3.16 -10.06
N GLY A 8 -5.44 4.11 -9.64
CA GLY A 8 -5.46 5.46 -10.18
C GLY A 8 -5.82 6.52 -9.17
N GLY A 9 -6.47 6.12 -8.07
CA GLY A 9 -6.87 7.08 -7.03
C GLY A 9 -7.63 6.48 -5.85
N ALA A 10 -7.59 5.14 -5.71
CA ALA A 10 -8.27 4.43 -4.61
C ALA A 10 -7.62 4.75 -3.23
N ARG A 11 -8.12 4.08 -2.17
CA ARG A 11 -7.62 4.30 -0.81
C ARG A 11 -7.50 2.97 -0.04
N CYS A 12 -6.56 2.93 0.92
CA CYS A 12 -6.29 1.74 1.73
C CYS A 12 -7.36 1.46 2.80
N SER A 13 -7.16 0.36 3.56
CA SER A 13 -8.07 -0.08 4.64
C SER A 13 -8.20 0.98 5.72
N ASN A 14 -7.04 1.42 6.20
CA ASN A 14 -6.93 2.46 7.24
C ASN A 14 -5.76 3.38 6.90
N GLY A 15 -5.35 4.23 7.86
CA GLY A 15 -4.23 5.12 7.64
C GLY A 15 -2.90 4.40 7.76
N LEU A 16 -2.72 3.37 6.92
CA LEU A 16 -1.53 2.53 6.91
C LEU A 16 -0.49 2.99 5.87
N CYS A 17 -0.17 2.14 4.90
CA CYS A 17 0.84 2.43 3.88
C CYS A 17 0.40 1.92 2.49
N CYS A 18 1.17 2.27 1.46
CA CYS A 18 0.87 1.86 0.08
C CYS A 18 2.15 1.47 -0.66
N SER A 19 2.04 0.42 -1.48
CA SER A 19 3.17 -0.09 -2.27
C SER A 19 3.39 0.72 -3.54
N GLN A 20 4.64 0.67 -4.05
CA GLN A 20 5.10 1.40 -5.25
C GLN A 20 4.11 1.38 -6.42
N PHE A 21 3.45 0.26 -6.62
CA PHE A 21 2.47 0.10 -7.71
C PHE A 21 1.07 0.48 -7.29
N GLY A 22 0.83 0.39 -5.99
CA GLY A 22 -0.47 0.71 -5.44
C GLY A 22 -1.06 -0.46 -4.70
N TYR A 23 -0.27 -1.02 -3.78
CA TYR A 23 -0.73 -2.15 -2.97
C TYR A 23 -0.72 -1.77 -1.50
N CYS A 24 -1.93 -1.68 -0.94
CA CYS A 24 -2.12 -1.31 0.45
C CYS A 24 -1.78 -2.42 1.42
N GLY A 25 -1.28 -2.02 2.60
CA GLY A 25 -0.93 -2.97 3.63
C GLY A 25 -0.38 -2.33 4.87
N SER A 26 -0.36 -3.11 5.94
CA SER A 26 0.13 -2.73 7.26
C SER A 26 0.70 -3.96 7.96
N THR A 27 0.74 -5.07 7.19
CA THR A 27 1.16 -6.37 7.69
C THR A 27 1.76 -7.30 6.59
N PRO A 28 1.28 -7.28 5.31
CA PRO A 28 1.79 -8.18 4.25
C PRO A 28 2.97 -7.56 3.45
N PRO A 29 3.49 -8.24 2.36
CA PRO A 29 4.61 -7.70 1.53
C PRO A 29 4.24 -6.42 0.76
N TYR A 30 3.73 -5.45 1.52
CA TYR A 30 3.31 -4.14 1.00
C TYR A 30 3.75 -3.08 2.01
N CYS A 31 3.68 -3.45 3.30
CA CYS A 31 4.08 -2.60 4.40
C CYS A 31 4.56 -3.46 5.57
N GLY A 32 5.84 -3.74 5.54
CA GLY A 32 6.48 -4.57 6.55
C GLY A 32 7.78 -5.13 6.01
N ALA A 33 7.67 -5.82 4.86
CA ALA A 33 8.80 -6.41 4.15
C ALA A 33 8.33 -6.91 2.78
N GLY A 34 8.38 -6.02 1.80
CA GLY A 34 7.95 -6.35 0.45
C GLY A 34 8.03 -5.16 -0.48
N GLN A 35 6.97 -4.34 -0.47
CA GLN A 35 6.90 -3.15 -1.32
C GLN A 35 6.41 -1.95 -0.50
N CYS A 36 7.21 -1.56 0.49
CA CYS A 36 6.88 -0.42 1.36
C CYS A 36 7.41 0.91 0.81
N GLN A 37 6.51 1.71 0.20
CA GLN A 37 6.87 3.02 -0.35
C GLN A 37 6.46 4.16 0.60
N SER A 38 5.19 4.14 1.04
CA SER A 38 4.64 5.17 1.93
C SER A 38 5.20 5.08 3.37
N GLN A 39 4.39 4.53 4.29
CA GLN A 39 4.79 4.39 5.70
C GLN A 39 5.34 3.00 5.98
N CYS A 40 6.20 2.91 7.00
CA CYS A 40 6.81 1.63 7.40
C CYS A 40 6.96 1.55 8.92
N PHE A 1 -4.31 -1.72 -6.85
CA PHE A 1 -5.06 -2.88 -6.28
C PHE A 1 -6.20 -2.39 -5.38
N GLN A 2 -5.83 -1.60 -4.37
CA GLN A 2 -6.77 -1.01 -3.40
C GLN A 2 -6.32 0.39 -3.00
N CYS A 3 -5.12 0.78 -3.45
CA CYS A 3 -4.55 2.08 -3.16
C CYS A 3 -4.78 3.07 -4.31
N GLY A 4 -4.45 4.35 -4.09
CA GLY A 4 -4.61 5.40 -5.11
C GLY A 4 -3.86 5.09 -6.41
N ARG A 5 -2.74 4.38 -6.27
CA ARG A 5 -1.93 3.99 -7.43
C ARG A 5 -2.25 2.55 -7.82
N GLN A 6 -1.87 2.16 -9.06
CA GLN A 6 -2.16 0.81 -9.63
C GLN A 6 -3.65 0.66 -9.95
N ALA A 7 -4.49 1.24 -9.08
CA ALA A 7 -5.94 1.22 -9.20
C ALA A 7 -6.43 2.45 -9.98
N GLY A 8 -5.73 3.56 -9.79
CA GLY A 8 -6.08 4.82 -10.46
C GLY A 8 -6.45 5.93 -9.49
N GLY A 9 -7.11 5.55 -8.38
CA GLY A 9 -7.52 6.52 -7.37
C GLY A 9 -8.28 5.90 -6.22
N ALA A 10 -7.74 4.82 -5.66
CA ALA A 10 -8.37 4.12 -4.54
C ALA A 10 -7.77 4.56 -3.18
N ARG A 11 -8.28 3.96 -2.08
CA ARG A 11 -7.80 4.29 -0.73
C ARG A 11 -7.69 3.03 0.12
N CYS A 12 -6.67 3.01 1.01
CA CYS A 12 -6.41 1.87 1.90
C CYS A 12 -7.46 1.70 3.02
N SER A 13 -7.25 0.68 3.88
CA SER A 13 -8.17 0.35 4.99
C SER A 13 -8.33 1.55 5.95
N ASN A 14 -7.19 2.03 6.45
CA ASN A 14 -7.13 3.17 7.37
C ASN A 14 -5.92 4.05 7.04
N GLY A 15 -5.55 4.05 5.75
CA GLY A 15 -4.41 4.81 5.30
C GLY A 15 -3.16 3.95 5.28
N LEU A 16 -2.81 3.43 6.46
CA LEU A 16 -1.65 2.53 6.70
C LEU A 16 -0.42 2.81 5.79
N CYS A 17 -0.19 1.92 4.83
CA CYS A 17 0.95 2.01 3.92
C CYS A 17 0.52 1.62 2.50
N CYS A 18 1.26 2.11 1.49
CA CYS A 18 0.94 1.82 0.10
C CYS A 18 2.21 1.56 -0.72
N SER A 19 2.22 0.39 -1.39
CA SER A 19 3.36 -0.05 -2.20
C SER A 19 3.57 0.82 -3.45
N GLN A 20 4.82 0.79 -3.96
CA GLN A 20 5.28 1.55 -5.14
C GLN A 20 4.30 1.59 -6.31
N PHE A 21 3.63 0.47 -6.55
CA PHE A 21 2.66 0.38 -7.64
C PHE A 21 1.28 0.88 -7.22
N GLY A 22 0.96 0.63 -5.95
CA GLY A 22 -0.31 1.03 -5.38
C GLY A 22 -0.98 -0.12 -4.69
N TYR A 23 -0.29 -0.69 -3.70
CA TYR A 23 -0.82 -1.81 -2.93
C TYR A 23 -0.94 -1.43 -1.47
N CYS A 24 -2.14 -1.63 -0.92
CA CYS A 24 -2.42 -1.28 0.47
C CYS A 24 -2.04 -2.41 1.42
N GLY A 25 -1.37 -2.03 2.51
CA GLY A 25 -0.95 -2.98 3.51
C GLY A 25 -0.44 -2.33 4.78
N SER A 26 -0.55 -3.09 5.86
CA SER A 26 -0.11 -2.68 7.21
C SER A 26 0.41 -3.90 7.96
N THR A 27 0.38 -5.04 7.28
CA THR A 27 0.76 -6.33 7.84
C THR A 27 1.35 -7.30 6.79
N PRO A 28 0.94 -7.26 5.48
CA PRO A 28 1.46 -8.18 4.44
C PRO A 28 2.71 -7.63 3.72
N PRO A 29 3.31 -8.38 2.71
CA PRO A 29 4.50 -7.91 1.94
C PRO A 29 4.26 -6.60 1.14
N TYR A 30 3.74 -5.59 1.84
CA TYR A 30 3.46 -4.26 1.29
C TYR A 30 3.85 -3.21 2.32
N CYS A 31 3.77 -3.61 3.59
CA CYS A 31 4.13 -2.76 4.71
C CYS A 31 5.01 -3.49 5.70
N GLY A 32 5.16 -4.79 5.48
CA GLY A 32 5.99 -5.60 6.33
C GLY A 32 6.95 -6.42 5.50
N ALA A 33 7.95 -5.72 4.93
CA ALA A 33 8.99 -6.32 4.06
C ALA A 33 8.40 -6.79 2.73
N GLY A 34 8.62 -5.98 1.69
CA GLY A 34 8.12 -6.28 0.36
C GLY A 34 8.39 -5.13 -0.60
N GLN A 35 7.48 -4.15 -0.59
CA GLN A 35 7.58 -2.97 -1.45
C GLN A 35 6.92 -1.77 -0.74
N CYS A 36 7.55 -1.34 0.36
CA CYS A 36 7.06 -0.22 1.16
C CYS A 36 7.52 1.15 0.64
N GLN A 37 6.56 1.97 0.20
CA GLN A 37 6.85 3.32 -0.27
C GLN A 37 6.47 4.37 0.77
N SER A 38 5.25 4.24 1.33
CA SER A 38 4.73 5.17 2.34
C SER A 38 5.27 4.87 3.74
N GLN A 39 5.04 3.64 4.20
CA GLN A 39 5.47 3.19 5.52
C GLN A 39 6.01 1.76 5.46
N CYS A 40 7.03 1.49 6.27
CA CYS A 40 7.66 0.17 6.33
C CYS A 40 7.77 -0.32 7.77
N PHE A 1 -4.29 -1.48 -6.80
CA PHE A 1 -5.21 -2.48 -6.19
C PHE A 1 -6.28 -1.79 -5.35
N GLN A 2 -5.83 -0.83 -4.53
CA GLN A 2 -6.71 -0.06 -3.64
C GLN A 2 -6.22 1.39 -3.48
N CYS A 3 -4.99 1.65 -3.91
CA CYS A 3 -4.38 2.99 -3.81
C CYS A 3 -3.39 3.22 -4.95
N GLY A 4 -3.05 4.50 -5.19
CA GLY A 4 -2.09 4.87 -6.22
C GLY A 4 -2.64 4.82 -7.64
N ARG A 5 -1.77 4.39 -8.56
CA ARG A 5 -2.12 4.28 -9.99
C ARG A 5 -2.49 2.84 -10.39
N GLN A 6 -2.19 1.87 -9.51
CA GLN A 6 -2.51 0.45 -9.77
C GLN A 6 -4.03 0.24 -9.83
N ALA A 7 -4.73 1.17 -9.17
CA ALA A 7 -6.18 1.17 -9.11
C ALA A 7 -6.76 2.33 -9.90
N GLY A 8 -6.01 3.43 -9.94
CA GLY A 8 -6.43 4.63 -10.67
C GLY A 8 -6.63 5.82 -9.76
N GLY A 9 -7.41 5.62 -8.70
CA GLY A 9 -7.69 6.68 -7.74
C GLY A 9 -8.62 6.21 -6.62
N ALA A 10 -8.06 5.47 -5.67
CA ALA A 10 -8.83 4.94 -4.52
C ALA A 10 -8.12 5.27 -3.19
N ARG A 11 -8.39 4.45 -2.15
CA ARG A 11 -7.78 4.66 -0.83
C ARG A 11 -7.37 3.33 -0.18
N CYS A 12 -6.40 3.40 0.76
CA CYS A 12 -5.87 2.22 1.45
C CYS A 12 -6.87 1.58 2.43
N SER A 13 -6.41 0.52 3.16
CA SER A 13 -7.25 -0.20 4.13
C SER A 13 -7.49 0.65 5.39
N ASN A 14 -6.39 1.03 6.03
CA ASN A 14 -6.41 1.87 7.23
C ASN A 14 -5.27 2.88 7.17
N GLY A 15 -4.97 3.53 8.31
CA GLY A 15 -3.87 4.50 8.36
C GLY A 15 -2.52 3.79 8.40
N LEU A 16 -2.23 3.07 7.32
CA LEU A 16 -1.02 2.27 7.18
C LEU A 16 -0.09 2.82 6.07
N CYS A 17 0.15 2.02 5.01
CA CYS A 17 1.02 2.42 3.90
C CYS A 17 0.45 1.98 2.55
N CYS A 18 1.14 2.38 1.47
CA CYS A 18 0.74 2.06 0.09
C CYS A 18 1.98 1.70 -0.74
N SER A 19 1.98 0.48 -1.30
CA SER A 19 3.11 -0.03 -2.10
C SER A 19 3.31 0.75 -3.40
N GLN A 20 4.56 0.67 -3.91
CA GLN A 20 5.03 1.37 -5.13
C GLN A 20 3.99 1.44 -6.27
N PHE A 21 3.29 0.33 -6.49
CA PHE A 21 2.26 0.26 -7.53
C PHE A 21 0.92 0.75 -7.00
N GLY A 22 0.62 0.35 -5.78
CA GLY A 22 -0.61 0.73 -5.13
C GLY A 22 -1.19 -0.40 -4.31
N TYR A 23 -0.34 -0.99 -3.46
CA TYR A 23 -0.77 -2.09 -2.60
C TYR A 23 -0.60 -1.72 -1.13
N CYS A 24 -1.73 -1.52 -0.46
CA CYS A 24 -1.73 -1.12 0.94
C CYS A 24 -1.78 -2.33 1.87
N GLY A 25 -1.23 -2.14 3.06
CA GLY A 25 -1.21 -3.19 4.06
C GLY A 25 -0.67 -2.70 5.39
N SER A 26 -0.63 -3.61 6.35
CA SER A 26 -0.13 -3.33 7.71
C SER A 26 0.47 -4.61 8.31
N THR A 27 0.58 -5.64 7.47
CA THR A 27 1.06 -6.96 7.88
C THR A 27 1.78 -7.76 6.76
N PRO A 28 1.30 -7.72 5.46
CA PRO A 28 1.91 -8.51 4.35
C PRO A 28 3.08 -7.77 3.66
N PRO A 29 3.67 -8.32 2.54
CA PRO A 29 4.78 -7.66 1.79
C PRO A 29 4.38 -6.30 1.16
N TYR A 30 3.77 -5.46 2.00
CA TYR A 30 3.32 -4.11 1.63
C TYR A 30 3.63 -3.18 2.80
N CYS A 31 3.54 -3.75 4.03
CA CYS A 31 3.84 -3.05 5.27
C CYS A 31 4.45 -4.02 6.27
N GLY A 32 5.76 -4.14 6.17
CA GLY A 32 6.51 -5.03 7.03
C GLY A 32 7.83 -5.41 6.39
N ALA A 33 7.72 -6.05 5.21
CA ALA A 33 8.87 -6.46 4.40
C ALA A 33 8.40 -6.91 3.03
N GLY A 34 8.40 -5.96 2.09
CA GLY A 34 7.95 -6.24 0.73
C GLY A 34 8.14 -5.06 -0.19
N GLN A 35 7.08 -4.25 -0.33
CA GLN A 35 7.10 -3.07 -1.21
C GLN A 35 6.53 -1.84 -0.50
N CYS A 36 7.10 -1.53 0.67
CA CYS A 36 6.65 -0.37 1.47
C CYS A 36 7.23 0.95 0.96
N GLN A 37 6.37 1.77 0.31
CA GLN A 37 6.79 3.07 -0.22
C GLN A 37 6.43 4.21 0.76
N SER A 38 5.18 4.20 1.26
CA SER A 38 4.69 5.24 2.19
C SER A 38 5.26 5.06 3.60
N GLN A 39 5.03 3.89 4.17
CA GLN A 39 5.50 3.55 5.53
C GLN A 39 5.88 2.08 5.62
N CYS A 40 6.88 1.79 6.46
CA CYS A 40 7.36 0.42 6.66
C CYS A 40 7.49 0.10 8.14
N PHE A 1 -4.31 -1.71 -7.27
CA PHE A 1 -5.16 -2.75 -6.64
C PHE A 1 -6.32 -2.09 -5.89
N GLN A 2 -5.98 -1.24 -4.93
CA GLN A 2 -6.95 -0.50 -4.10
C GLN A 2 -6.40 0.87 -3.69
N CYS A 3 -5.13 1.12 -4.03
CA CYS A 3 -4.44 2.37 -3.69
C CYS A 3 -3.47 2.79 -4.80
N GLY A 4 -3.04 4.06 -4.76
CA GLY A 4 -2.07 4.58 -5.72
C GLY A 4 -2.56 4.62 -7.16
N ARG A 5 -1.65 4.29 -8.08
CA ARG A 5 -1.94 4.29 -9.52
C ARG A 5 -2.27 2.89 -10.05
N GLN A 6 -1.97 1.85 -9.25
CA GLN A 6 -2.23 0.46 -9.63
C GLN A 6 -3.74 0.22 -9.77
N ALA A 7 -4.51 1.07 -9.10
CA ALA A 7 -5.96 1.03 -9.11
C ALA A 7 -6.55 2.26 -9.79
N GLY A 8 -5.85 3.39 -9.65
CA GLY A 8 -6.28 4.64 -10.25
C GLY A 8 -6.25 5.79 -9.25
N GLY A 9 -7.07 5.68 -8.21
CA GLY A 9 -7.15 6.71 -7.17
C GLY A 9 -8.15 6.37 -6.09
N ALA A 10 -7.71 5.59 -5.10
CA ALA A 10 -8.57 5.17 -3.98
C ALA A 10 -7.85 5.38 -2.64
N ARG A 11 -8.31 4.68 -1.58
CA ARG A 11 -7.73 4.78 -0.24
C ARG A 11 -7.64 3.41 0.44
N CYS A 12 -6.63 3.27 1.31
CA CYS A 12 -6.39 2.01 2.04
C CYS A 12 -7.35 1.77 3.23
N SER A 13 -7.04 0.76 4.07
CA SER A 13 -7.85 0.36 5.24
C SER A 13 -8.21 1.56 6.14
N ASN A 14 -7.21 2.05 6.89
CA ASN A 14 -7.40 3.18 7.81
C ASN A 14 -6.20 4.13 7.76
N GLY A 15 -5.52 4.16 6.61
CA GLY A 15 -4.36 5.01 6.44
C GLY A 15 -3.07 4.33 6.87
N LEU A 16 -2.91 3.07 6.47
CA LEU A 16 -1.73 2.27 6.81
C LEU A 16 -0.52 2.62 5.92
N CYS A 17 -0.29 1.79 4.90
CA CYS A 17 0.82 1.94 3.96
C CYS A 17 0.35 1.62 2.55
N CYS A 18 1.09 2.10 1.55
CA CYS A 18 0.73 1.86 0.14
C CYS A 18 1.98 1.58 -0.68
N SER A 19 2.04 0.34 -1.23
CA SER A 19 3.18 -0.13 -2.04
C SER A 19 3.39 0.71 -3.31
N GLN A 20 4.64 0.70 -3.79
CA GLN A 20 5.12 1.46 -4.98
C GLN A 20 4.15 1.50 -6.15
N PHE A 21 3.47 0.38 -6.40
CA PHE A 21 2.49 0.29 -7.49
C PHE A 21 1.13 0.81 -7.07
N GLY A 22 0.77 0.48 -5.84
CA GLY A 22 -0.50 0.89 -5.28
C GLY A 22 -1.18 -0.25 -4.58
N TYR A 23 -0.50 -0.78 -3.55
CA TYR A 23 -1.04 -1.89 -2.76
C TYR A 23 -1.21 -1.47 -1.31
N CYS A 24 -2.33 -1.89 -0.72
CA CYS A 24 -2.66 -1.55 0.66
C CYS A 24 -2.21 -2.64 1.63
N GLY A 25 -1.52 -2.20 2.68
CA GLY A 25 -1.03 -3.12 3.69
C GLY A 25 -0.42 -2.43 4.88
N SER A 26 -0.32 -3.18 5.97
CA SER A 26 0.24 -2.71 7.25
C SER A 26 0.95 -3.85 7.96
N THR A 27 0.82 -5.06 7.38
CA THR A 27 1.34 -6.29 7.99
C THR A 27 2.01 -7.23 6.95
N PRO A 28 1.46 -7.40 5.71
CA PRO A 28 1.99 -8.33 4.70
C PRO A 28 3.15 -7.74 3.86
N PRO A 29 3.67 -8.49 2.82
CA PRO A 29 4.76 -8.01 1.92
C PRO A 29 4.38 -6.76 1.10
N TYR A 30 3.79 -5.79 1.81
CA TYR A 30 3.39 -4.49 1.25
C TYR A 30 3.73 -3.41 2.27
N CYS A 31 3.81 -3.85 3.54
CA CYS A 31 4.15 -2.98 4.67
C CYS A 31 4.79 -3.81 5.78
N GLY A 32 6.12 -3.93 5.69
CA GLY A 32 6.89 -4.68 6.65
C GLY A 32 8.18 -5.15 6.04
N ALA A 33 8.05 -5.88 4.92
CA ALA A 33 9.18 -6.41 4.15
C ALA A 33 8.72 -6.83 2.77
N GLY A 34 8.90 -5.94 1.80
CA GLY A 34 8.49 -6.21 0.44
C GLY A 34 8.76 -5.04 -0.48
N GLN A 35 7.80 -4.11 -0.54
CA GLN A 35 7.88 -2.91 -1.38
C GLN A 35 7.14 -1.74 -0.73
N CYS A 36 7.60 -1.37 0.49
CA CYS A 36 6.99 -0.27 1.26
C CYS A 36 7.42 1.12 0.73
N GLN A 37 6.42 1.92 0.33
CA GLN A 37 6.67 3.27 -0.15
C GLN A 37 6.32 4.30 0.93
N SER A 38 5.14 4.13 1.55
CA SER A 38 4.67 5.03 2.60
C SER A 38 5.15 4.61 4.00
N GLN A 39 4.87 3.36 4.35
CA GLN A 39 5.27 2.80 5.65
C GLN A 39 5.62 1.32 5.52
N CYS A 40 6.44 0.82 6.45
CA CYS A 40 6.86 -0.58 6.46
C CYS A 40 6.71 -1.19 7.85
N PHE A 1 -4.73 -5.32 -6.49
CA PHE A 1 -4.38 -3.91 -6.17
C PHE A 1 -5.64 -3.06 -6.07
N GLN A 2 -5.59 -2.05 -5.17
CA GLN A 2 -6.72 -1.15 -4.95
C GLN A 2 -6.25 0.29 -4.68
N CYS A 3 -5.09 0.40 -4.05
CA CYS A 3 -4.49 1.68 -3.67
C CYS A 3 -3.53 2.22 -4.75
N GLY A 4 -3.06 3.46 -4.51
CA GLY A 4 -2.09 4.13 -5.39
C GLY A 4 -2.54 4.32 -6.82
N ARG A 5 -1.56 4.52 -7.71
CA ARG A 5 -1.79 4.73 -9.14
C ARG A 5 -2.14 3.44 -9.88
N GLN A 6 -1.94 2.29 -9.20
CA GLN A 6 -2.26 0.96 -9.79
C GLN A 6 -3.76 0.87 -10.07
N ALA A 7 -4.51 1.74 -9.38
CA ALA A 7 -5.96 1.83 -9.49
C ALA A 7 -6.40 3.28 -9.70
N GLY A 8 -5.73 4.19 -9.00
CA GLY A 8 -6.02 5.61 -9.09
C GLY A 8 -5.70 6.35 -7.79
N GLY A 9 -6.41 5.98 -6.72
CA GLY A 9 -6.21 6.60 -5.41
C GLY A 9 -7.13 6.04 -4.34
N ALA A 10 -6.68 4.99 -3.63
CA ALA A 10 -7.47 4.35 -2.57
C ALA A 10 -6.59 3.85 -1.42
N ARG A 11 -7.24 3.36 -0.34
CA ARG A 11 -6.54 2.83 0.84
C ARG A 11 -7.25 1.58 1.35
N CYS A 12 -6.50 0.69 2.04
CA CYS A 12 -7.08 -0.56 2.57
C CYS A 12 -7.83 -0.38 3.89
N SER A 13 -7.10 -0.29 5.00
CA SER A 13 -7.69 -0.16 6.33
C SER A 13 -7.96 1.32 6.67
N ASN A 14 -7.12 1.92 7.52
CA ASN A 14 -7.28 3.32 7.92
C ASN A 14 -5.92 4.04 8.00
N GLY A 15 -5.50 4.60 6.86
CA GLY A 15 -4.22 5.34 6.79
C GLY A 15 -3.02 4.52 7.21
N LEU A 16 -2.85 3.34 6.60
CA LEU A 16 -1.74 2.45 6.92
C LEU A 16 -0.52 2.71 6.03
N CYS A 17 -0.31 1.83 5.04
CA CYS A 17 0.82 1.92 4.12
C CYS A 17 0.37 1.47 2.72
N CYS A 18 1.15 1.84 1.70
CA CYS A 18 0.82 1.47 0.31
C CYS A 18 2.08 1.24 -0.53
N SER A 19 2.05 0.15 -1.31
CA SER A 19 3.18 -0.26 -2.16
C SER A 19 3.40 0.68 -3.35
N GLN A 20 4.64 0.64 -3.88
CA GLN A 20 5.10 1.47 -5.02
C GLN A 20 4.11 1.55 -6.18
N PHE A 21 3.44 0.44 -6.45
CA PHE A 21 2.45 0.35 -7.52
C PHE A 21 1.10 0.89 -7.05
N GLY A 22 0.77 0.54 -5.81
CA GLY A 22 -0.47 0.96 -5.20
C GLY A 22 -1.14 -0.17 -4.47
N TYR A 23 -0.41 -0.77 -3.54
CA TYR A 23 -0.96 -1.87 -2.74
C TYR A 23 -0.94 -1.49 -1.27
N CYS A 24 -2.14 -1.18 -0.75
CA CYS A 24 -2.32 -0.77 0.64
C CYS A 24 -2.21 -1.95 1.60
N GLY A 25 -1.45 -1.74 2.67
CA GLY A 25 -1.24 -2.75 3.69
C GLY A 25 -0.68 -2.19 4.98
N SER A 26 -0.55 -3.06 5.98
CA SER A 26 -0.04 -2.68 7.31
C SER A 26 0.68 -3.86 7.97
N THR A 27 0.74 -5.00 7.25
CA THR A 27 1.34 -6.23 7.76
C THR A 27 1.87 -7.19 6.66
N PRO A 28 1.25 -7.25 5.42
CA PRO A 28 1.72 -8.17 4.35
C PRO A 28 2.91 -7.58 3.54
N PRO A 29 3.43 -8.26 2.46
CA PRO A 29 4.55 -7.73 1.62
C PRO A 29 4.23 -6.38 0.93
N TYR A 30 3.68 -5.47 1.74
CA TYR A 30 3.31 -4.11 1.31
C TYR A 30 3.67 -3.15 2.43
N CYS A 31 3.65 -3.68 3.66
CA CYS A 31 4.00 -2.92 4.86
C CYS A 31 4.67 -3.83 5.88
N GLY A 32 5.98 -3.98 5.72
CA GLY A 32 6.78 -4.81 6.61
C GLY A 32 8.06 -5.23 5.93
N ALA A 33 7.93 -6.09 4.93
CA ALA A 33 9.05 -6.60 4.14
C ALA A 33 8.55 -7.09 2.78
N GLY A 34 8.45 -6.14 1.84
CA GLY A 34 7.98 -6.45 0.50
C GLY A 34 8.06 -5.26 -0.43
N GLN A 35 7.05 -4.39 -0.36
CA GLN A 35 6.98 -3.20 -1.19
C GLN A 35 6.50 -2.00 -0.38
N CYS A 36 7.30 -1.60 0.62
CA CYS A 36 6.96 -0.46 1.48
C CYS A 36 7.42 0.88 0.89
N GLN A 37 6.46 1.67 0.37
CA GLN A 37 6.74 2.99 -0.20
C GLN A 37 6.48 4.10 0.83
N SER A 38 5.29 4.06 1.45
CA SER A 38 4.88 5.06 2.45
C SER A 38 5.41 4.74 3.85
N GLN A 39 5.15 3.52 4.29
CA GLN A 39 5.57 3.04 5.61
C GLN A 39 6.08 1.61 5.55
N CYS A 40 7.18 1.35 6.26
CA CYS A 40 7.79 0.02 6.29
C CYS A 40 7.75 -0.56 7.70
N PHE A 1 -4.91 -5.13 -5.58
CA PHE A 1 -4.53 -3.69 -5.55
C PHE A 1 -5.77 -2.80 -5.38
N GLN A 2 -5.62 -1.76 -4.57
CA GLN A 2 -6.71 -0.81 -4.30
C GLN A 2 -6.20 0.63 -4.22
N CYS A 3 -4.99 0.77 -3.69
CA CYS A 3 -4.36 2.08 -3.50
C CYS A 3 -3.43 2.45 -4.66
N GLY A 4 -2.88 3.68 -4.61
CA GLY A 4 -1.93 4.19 -5.60
C GLY A 4 -2.45 4.26 -7.01
N ARG A 5 -1.52 4.39 -7.96
CA ARG A 5 -1.82 4.51 -9.39
C ARG A 5 -2.16 3.14 -10.02
N GLN A 6 -1.87 2.04 -9.28
CA GLN A 6 -2.17 0.68 -9.76
C GLN A 6 -3.68 0.50 -9.92
N ALA A 7 -4.41 1.39 -9.25
CA ALA A 7 -5.87 1.40 -9.25
C ALA A 7 -6.40 2.79 -9.60
N GLY A 8 -5.71 3.82 -9.08
CA GLY A 8 -6.09 5.20 -9.31
C GLY A 8 -5.71 6.10 -8.14
N GLY A 9 -6.42 5.93 -7.03
CA GLY A 9 -6.17 6.72 -5.82
C GLY A 9 -7.10 6.36 -4.67
N ALA A 10 -6.77 5.27 -3.95
CA ALA A 10 -7.58 4.80 -2.81
C ALA A 10 -6.70 4.28 -1.67
N ARG A 11 -7.34 3.75 -0.61
CA ARG A 11 -6.65 3.19 0.57
C ARG A 11 -7.34 1.91 1.03
N CYS A 12 -6.59 1.04 1.74
CA CYS A 12 -7.15 -0.24 2.23
C CYS A 12 -7.97 -0.09 3.53
N SER A 13 -7.41 -0.57 4.65
CA SER A 13 -8.10 -0.52 5.96
C SER A 13 -8.17 0.91 6.50
N ASN A 14 -7.02 1.48 6.81
CA ASN A 14 -6.89 2.83 7.32
C ASN A 14 -5.68 3.52 6.70
N GLY A 15 -5.24 4.65 7.27
CA GLY A 15 -4.08 5.36 6.76
C GLY A 15 -2.79 4.68 7.17
N LEU A 16 -2.65 3.43 6.71
CA LEU A 16 -1.51 2.57 7.02
C LEU A 16 -0.31 2.84 6.10
N CYS A 17 -0.11 1.96 5.11
CA CYS A 17 1.00 2.04 4.17
C CYS A 17 0.51 1.67 2.77
N CYS A 18 1.21 2.17 1.73
CA CYS A 18 0.83 1.88 0.35
C CYS A 18 2.06 1.63 -0.52
N SER A 19 2.05 0.48 -1.20
CA SER A 19 3.15 0.03 -2.07
C SER A 19 3.36 0.91 -3.30
N GLN A 20 4.62 0.89 -3.80
CA GLN A 20 5.08 1.67 -4.97
C GLN A 20 4.11 1.69 -6.15
N PHE A 21 3.48 0.55 -6.40
CA PHE A 21 2.50 0.41 -7.49
C PHE A 21 1.14 0.92 -7.05
N GLY A 22 0.79 0.56 -5.83
CA GLY A 22 -0.47 0.95 -5.25
C GLY A 22 -1.12 -0.18 -4.48
N TYR A 23 -0.35 -0.76 -3.56
CA TYR A 23 -0.86 -1.83 -2.72
C TYR A 23 -0.80 -1.42 -1.26
N CYS A 24 -1.96 -1.08 -0.72
CA CYS A 24 -2.10 -0.63 0.66
C CYS A 24 -2.12 -1.80 1.64
N GLY A 25 -1.36 -1.63 2.73
CA GLY A 25 -1.27 -2.66 3.77
C GLY A 25 -0.69 -2.11 5.06
N SER A 26 -0.57 -3.01 6.05
CA SER A 26 -0.04 -2.66 7.38
C SER A 26 0.69 -3.87 8.00
N THR A 27 0.61 -5.02 7.33
CA THR A 27 1.19 -6.27 7.82
C THR A 27 1.68 -7.23 6.70
N PRO A 28 1.06 -7.27 5.47
CA PRO A 28 1.48 -8.20 4.40
C PRO A 28 2.70 -7.66 3.60
N PRO A 29 3.20 -8.36 2.51
CA PRO A 29 4.35 -7.87 1.69
C PRO A 29 4.08 -6.52 0.99
N TYR A 30 3.57 -5.57 1.78
CA TYR A 30 3.25 -4.21 1.34
C TYR A 30 3.66 -3.24 2.44
N CYS A 31 3.61 -3.76 3.68
CA CYS A 31 3.99 -3.00 4.87
C CYS A 31 4.62 -3.93 5.91
N GLY A 32 5.93 -4.13 5.74
CA GLY A 32 6.70 -4.99 6.61
C GLY A 32 7.97 -5.43 5.93
N ALA A 33 7.79 -6.13 4.79
CA ALA A 33 8.89 -6.61 3.95
C ALA A 33 8.35 -7.00 2.57
N GLY A 34 8.46 -6.06 1.63
CA GLY A 34 7.99 -6.27 0.28
C GLY A 34 8.32 -5.12 -0.64
N GLN A 35 7.40 -4.16 -0.72
CA GLN A 35 7.55 -2.97 -1.55
C GLN A 35 6.90 -1.76 -0.86
N CYS A 36 7.38 -1.45 0.35
CA CYS A 36 6.87 -0.34 1.16
C CYS A 36 7.39 1.03 0.68
N GLN A 37 6.45 1.92 0.32
CA GLN A 37 6.78 3.26 -0.13
C GLN A 37 6.50 4.29 0.97
N SER A 38 5.30 4.20 1.57
CA SER A 38 4.88 5.12 2.64
C SER A 38 5.41 4.69 4.00
N GLN A 39 5.05 3.47 4.40
CA GLN A 39 5.47 2.90 5.68
C GLN A 39 5.79 1.41 5.53
N CYS A 40 6.76 0.93 6.33
CA CYS A 40 7.17 -0.47 6.30
C CYS A 40 6.97 -1.13 7.66
N PHE A 1 -4.87 -5.26 -6.02
CA PHE A 1 -4.53 -3.81 -5.96
C PHE A 1 -5.78 -2.96 -5.81
N GLN A 2 -5.70 -1.94 -4.95
CA GLN A 2 -6.82 -1.03 -4.69
C GLN A 2 -6.34 0.42 -4.54
N CYS A 3 -5.21 0.58 -3.87
CA CYS A 3 -4.60 1.89 -3.60
C CYS A 3 -3.58 2.27 -4.68
N GLY A 4 -3.12 3.53 -4.61
CA GLY A 4 -2.09 4.05 -5.53
C GLY A 4 -2.55 4.21 -6.97
N ARG A 5 -1.57 4.40 -7.85
CA ARG A 5 -1.81 4.58 -9.29
C ARG A 5 -2.10 3.25 -10.01
N GLN A 6 -1.83 2.12 -9.32
CA GLN A 6 -2.07 0.78 -9.90
C GLN A 6 -3.58 0.58 -10.13
N ALA A 7 -4.37 1.42 -9.45
CA ALA A 7 -5.81 1.41 -9.52
C ALA A 7 -6.37 2.81 -9.80
N GLY A 8 -5.72 3.81 -9.20
CA GLY A 8 -6.13 5.20 -9.35
C GLY A 8 -5.80 6.04 -8.14
N GLY A 9 -6.53 5.79 -7.04
CA GLY A 9 -6.31 6.52 -5.79
C GLY A 9 -7.25 6.08 -4.68
N ALA A 10 -6.81 5.08 -3.89
CA ALA A 10 -7.61 4.56 -2.77
C ALA A 10 -6.73 4.20 -1.57
N ARG A 11 -7.37 3.68 -0.50
CA ARG A 11 -6.67 3.28 0.74
C ARG A 11 -7.25 1.96 1.26
N CYS A 12 -6.43 1.19 2.00
CA CYS A 12 -6.87 -0.10 2.55
C CYS A 12 -7.67 0.01 3.86
N SER A 13 -7.05 -0.39 4.99
CA SER A 13 -7.70 -0.38 6.31
C SER A 13 -7.71 1.01 6.96
N ASN A 14 -6.55 1.43 7.45
CA ASN A 14 -6.40 2.73 8.12
C ASN A 14 -5.18 3.48 7.57
N GLY A 15 -4.66 4.45 8.36
CA GLY A 15 -3.50 5.22 7.94
C GLY A 15 -2.22 4.41 8.00
N LEU A 16 -2.13 3.43 7.11
CA LEU A 16 -0.99 2.51 7.00
C LEU A 16 0.01 3.01 5.95
N CYS A 17 0.27 2.20 4.91
CA CYS A 17 1.19 2.54 3.83
C CYS A 17 0.67 2.00 2.51
N CYS A 18 1.25 2.45 1.39
CA CYS A 18 0.82 2.02 0.06
C CYS A 18 2.03 1.78 -0.85
N SER A 19 2.13 0.53 -1.34
CA SER A 19 3.23 0.07 -2.20
C SER A 19 3.44 0.91 -3.46
N GLN A 20 4.70 0.90 -3.92
CA GLN A 20 5.19 1.66 -5.10
C GLN A 20 4.21 1.70 -6.29
N PHE A 21 3.57 0.57 -6.54
CA PHE A 21 2.60 0.45 -7.64
C PHE A 21 1.22 0.91 -7.19
N GLY A 22 0.87 0.49 -5.98
CA GLY A 22 -0.41 0.84 -5.41
C GLY A 22 -1.01 -0.31 -4.64
N TYR A 23 -0.21 -0.89 -3.74
CA TYR A 23 -0.68 -2.00 -2.91
C TYR A 23 -0.61 -1.62 -1.45
N CYS A 24 -1.78 -1.36 -0.87
CA CYS A 24 -1.90 -0.95 0.52
C CYS A 24 -2.08 -2.15 1.44
N GLY A 25 -1.58 -2.00 2.67
CA GLY A 25 -1.66 -3.05 3.67
C GLY A 25 -1.17 -2.58 5.02
N SER A 26 -1.06 -3.51 5.96
CA SER A 26 -0.59 -3.22 7.33
C SER A 26 0.04 -4.46 7.97
N THR A 27 0.12 -5.54 7.19
CA THR A 27 0.65 -6.82 7.65
C THR A 27 1.29 -7.68 6.52
N PRO A 28 0.83 -7.61 5.23
CA PRO A 28 1.40 -8.43 4.13
C PRO A 28 2.64 -7.76 3.50
N PRO A 29 3.28 -8.35 2.42
CA PRO A 29 4.47 -7.75 1.75
C PRO A 29 4.17 -6.38 1.07
N TYR A 30 3.54 -5.49 1.84
CA TYR A 30 3.19 -4.13 1.39
C TYR A 30 3.44 -3.17 2.54
N CYS A 31 3.29 -3.69 3.77
CA CYS A 31 3.50 -2.93 4.99
C CYS A 31 4.13 -3.82 6.06
N GLY A 32 5.45 -3.94 5.97
CA GLY A 32 6.23 -4.75 6.89
C GLY A 32 7.55 -5.14 6.26
N ALA A 33 7.45 -5.87 5.13
CA ALA A 33 8.61 -6.32 4.35
C ALA A 33 8.16 -6.77 2.96
N GLY A 34 8.31 -5.88 1.99
CA GLY A 34 7.91 -6.16 0.63
C GLY A 34 8.26 -5.02 -0.32
N GLN A 35 7.26 -4.19 -0.61
CA GLN A 35 7.42 -3.04 -1.50
C GLN A 35 6.75 -1.79 -0.90
N CYS A 36 7.12 -1.47 0.34
CA CYS A 36 6.57 -0.32 1.06
C CYS A 36 7.22 1.00 0.63
N GLN A 37 6.39 1.96 0.21
CA GLN A 37 6.85 3.26 -0.25
C GLN A 37 6.64 4.34 0.83
N SER A 38 5.42 4.39 1.40
CA SER A 38 5.07 5.39 2.42
C SER A 38 5.60 5.03 3.81
N GLN A 39 5.20 3.86 4.31
CA GLN A 39 5.61 3.38 5.62
C GLN A 39 6.04 1.92 5.57
N CYS A 40 7.03 1.57 6.39
CA CYS A 40 7.54 0.20 6.45
C CYS A 40 7.55 -0.32 7.89
N PHE A 1 -5.44 -4.64 -5.54
CA PHE A 1 -4.92 -3.25 -5.37
C PHE A 1 -6.04 -2.28 -5.01
N GLN A 2 -5.75 -1.39 -4.05
CA GLN A 2 -6.73 -0.39 -3.59
C GLN A 2 -6.06 0.97 -3.31
N CYS A 3 -4.87 1.19 -3.91
CA CYS A 3 -4.12 2.44 -3.72
C CYS A 3 -3.26 2.77 -4.95
N GLY A 4 -2.79 4.03 -5.00
CA GLY A 4 -1.91 4.50 -6.07
C GLY A 4 -2.52 4.49 -7.45
N ARG A 5 -1.65 4.35 -8.46
CA ARG A 5 -2.05 4.32 -9.87
C ARG A 5 -2.33 2.90 -10.36
N GLN A 6 -1.96 1.89 -9.55
CA GLN A 6 -2.18 0.48 -9.90
C GLN A 6 -3.68 0.18 -10.00
N ALA A 7 -4.46 0.98 -9.27
CA ALA A 7 -5.91 0.87 -9.22
C ALA A 7 -6.57 2.03 -9.98
N GLY A 8 -5.94 3.20 -9.89
CA GLY A 8 -6.44 4.39 -10.55
C GLY A 8 -6.63 5.55 -9.58
N GLY A 9 -7.35 5.29 -8.48
CA GLY A 9 -7.60 6.31 -7.47
C GLY A 9 -8.46 5.80 -6.33
N ALA A 10 -7.81 5.10 -5.38
CA ALA A 10 -8.50 4.54 -4.22
C ALA A 10 -7.74 4.85 -2.92
N ARG A 11 -8.18 4.24 -1.79
CA ARG A 11 -7.54 4.47 -0.48
C ARG A 11 -7.44 3.16 0.31
N CYS A 12 -6.49 3.13 1.27
CA CYS A 12 -6.24 1.94 2.11
C CYS A 12 -7.32 1.71 3.18
N SER A 13 -7.19 0.55 3.87
CA SER A 13 -8.13 0.13 4.94
C SER A 13 -8.20 1.18 6.06
N ASN A 14 -7.02 1.56 6.54
CA ASN A 14 -6.86 2.57 7.60
C ASN A 14 -5.65 3.45 7.27
N GLY A 15 -5.19 4.25 8.24
CA GLY A 15 -4.04 5.10 8.04
C GLY A 15 -2.73 4.31 8.12
N LEU A 16 -2.61 3.33 7.23
CA LEU A 16 -1.44 2.44 7.18
C LEU A 16 -0.39 2.92 6.18
N CYS A 17 -0.11 2.12 5.13
CA CYS A 17 0.90 2.43 4.13
C CYS A 17 0.44 2.05 2.72
N CYS A 18 1.21 2.46 1.70
CA CYS A 18 0.89 2.19 0.31
C CYS A 18 2.15 1.83 -0.49
N SER A 19 2.11 0.68 -1.18
CA SER A 19 3.22 0.18 -1.99
C SER A 19 3.48 1.00 -3.26
N GLN A 20 4.74 0.93 -3.75
CA GLN A 20 5.24 1.65 -4.94
C GLN A 20 4.26 1.71 -6.12
N PHE A 21 3.60 0.60 -6.40
CA PHE A 21 2.63 0.51 -7.50
C PHE A 21 1.26 1.00 -7.07
N GLY A 22 0.94 0.74 -5.81
CA GLY A 22 -0.32 1.13 -5.25
C GLY A 22 -0.99 -0.02 -4.55
N TYR A 23 -0.26 -0.63 -3.61
CA TYR A 23 -0.80 -1.75 -2.84
C TYR A 23 -0.84 -1.42 -1.36
N CYS A 24 -2.02 -1.55 -0.77
CA CYS A 24 -2.25 -1.25 0.63
C CYS A 24 -1.87 -2.40 1.55
N GLY A 25 -1.34 -2.03 2.71
CA GLY A 25 -0.93 -3.01 3.69
C GLY A 25 -0.36 -2.39 4.96
N SER A 26 -0.39 -3.18 6.01
CA SER A 26 0.12 -2.79 7.34
C SER A 26 0.60 -4.05 8.06
N THR A 27 0.60 -5.15 7.29
CA THR A 27 0.95 -6.47 7.80
C THR A 27 1.48 -7.43 6.68
N PRO A 28 0.99 -7.34 5.40
CA PRO A 28 1.43 -8.25 4.32
C PRO A 28 2.63 -7.70 3.51
N PRO A 29 3.12 -8.39 2.41
CA PRO A 29 4.25 -7.91 1.57
C PRO A 29 3.94 -6.61 0.79
N TYR A 30 3.48 -5.60 1.53
CA TYR A 30 3.14 -4.27 1.00
C TYR A 30 3.62 -3.23 2.01
N CYS A 31 3.58 -3.63 3.29
CA CYS A 31 4.03 -2.80 4.40
C CYS A 31 4.45 -3.69 5.57
N GLY A 32 5.73 -4.01 5.56
CA GLY A 32 6.33 -4.87 6.57
C GLY A 32 7.62 -5.45 6.04
N ALA A 33 7.52 -6.03 4.82
CA ALA A 33 8.65 -6.62 4.10
C ALA A 33 8.23 -6.95 2.67
N GLY A 34 8.46 -6.00 1.77
CA GLY A 34 8.10 -6.17 0.37
C GLY A 34 8.46 -4.96 -0.46
N GLN A 35 7.51 -4.02 -0.56
CA GLN A 35 7.70 -2.78 -1.33
C GLN A 35 7.03 -1.61 -0.63
N CYS A 36 7.44 -1.37 0.63
CA CYS A 36 6.89 -0.26 1.44
C CYS A 36 7.44 1.11 1.01
N GLN A 37 6.56 1.94 0.43
CA GLN A 37 6.94 3.28 -0.03
C GLN A 37 6.51 4.35 0.99
N SER A 38 5.23 4.30 1.37
CA SER A 38 4.64 5.27 2.32
C SER A 38 5.12 5.00 3.76
N GLN A 39 4.34 5.50 4.75
CA GLN A 39 4.64 5.33 6.18
C GLN A 39 4.82 3.86 6.58
N CYS A 40 6.07 3.48 6.83
CA CYS A 40 6.41 2.10 7.23
C CYS A 40 6.55 1.99 8.75
N PHE A 1 -3.86 -1.44 -6.73
CA PHE A 1 -4.64 -2.59 -6.21
C PHE A 1 -5.75 -2.13 -5.28
N GLN A 2 -5.38 -1.26 -4.33
CA GLN A 2 -6.32 -0.72 -3.35
C GLN A 2 -6.02 0.74 -2.98
N CYS A 3 -4.86 1.26 -3.42
CA CYS A 3 -4.47 2.65 -3.10
C CYS A 3 -3.74 3.35 -4.24
N GLY A 4 -4.23 4.55 -4.59
CA GLY A 4 -3.64 5.39 -5.62
C GLY A 4 -3.41 4.73 -6.97
N ARG A 5 -2.13 4.39 -7.23
CA ARG A 5 -1.70 3.77 -8.49
C ARG A 5 -2.20 2.33 -8.65
N GLN A 6 -1.96 1.74 -9.86
CA GLN A 6 -2.39 0.37 -10.23
C GLN A 6 -3.88 0.36 -10.57
N ALA A 7 -4.63 1.21 -9.85
CA ALA A 7 -6.07 1.35 -10.02
C ALA A 7 -6.41 2.73 -10.62
N GLY A 8 -5.60 3.73 -10.26
CA GLY A 8 -5.80 5.09 -10.75
C GLY A 8 -6.11 6.06 -9.62
N GLY A 9 -6.86 5.59 -8.62
CA GLY A 9 -7.24 6.43 -7.48
C GLY A 9 -8.10 5.69 -6.47
N ALA A 10 -7.45 5.09 -5.47
CA ALA A 10 -8.14 4.33 -4.42
C ALA A 10 -7.58 4.65 -3.03
N ARG A 11 -8.12 3.99 -1.99
CA ARG A 11 -7.68 4.20 -0.60
C ARG A 11 -7.61 2.89 0.17
N CYS A 12 -6.70 2.86 1.16
CA CYS A 12 -6.46 1.68 2.01
C CYS A 12 -7.49 1.52 3.13
N SER A 13 -7.35 0.42 3.91
CA SER A 13 -8.24 0.11 5.05
C SER A 13 -8.26 1.25 6.07
N ASN A 14 -7.06 1.65 6.50
CA ASN A 14 -6.86 2.74 7.44
C ASN A 14 -5.64 3.56 7.02
N GLY A 15 -5.17 4.46 7.89
CA GLY A 15 -3.99 5.26 7.58
C GLY A 15 -2.70 4.46 7.76
N LEU A 16 -2.60 3.38 6.97
CA LEU A 16 -1.47 2.45 7.03
C LEU A 16 -0.35 2.83 6.04
N CYS A 17 -0.11 1.95 5.06
CA CYS A 17 0.95 2.13 4.06
C CYS A 17 0.49 1.71 2.67
N CYS A 18 1.18 2.18 1.63
CA CYS A 18 0.83 1.85 0.24
C CYS A 18 2.09 1.59 -0.58
N SER A 19 2.13 0.41 -1.22
CA SER A 19 3.26 -0.03 -2.06
C SER A 19 3.44 0.81 -3.32
N GLN A 20 4.67 0.74 -3.87
CA GLN A 20 5.10 1.48 -5.08
C GLN A 20 4.11 1.43 -6.24
N PHE A 21 3.44 0.29 -6.39
CA PHE A 21 2.47 0.10 -7.46
C PHE A 21 1.08 0.54 -7.04
N GLY A 22 0.88 0.62 -5.72
CA GLY A 22 -0.41 1.01 -5.18
C GLY A 22 -1.07 -0.13 -4.46
N TYR A 23 -0.37 -0.71 -3.49
CA TYR A 23 -0.90 -1.83 -2.72
C TYR A 23 -1.00 -1.47 -1.25
N CYS A 24 -2.13 -1.85 -0.65
CA CYS A 24 -2.41 -1.56 0.74
C CYS A 24 -1.93 -2.67 1.68
N GLY A 25 -1.25 -2.25 2.74
CA GLY A 25 -0.75 -3.17 3.72
C GLY A 25 -0.28 -2.51 4.99
N SER A 26 -0.45 -3.24 6.09
CA SER A 26 -0.05 -2.81 7.43
C SER A 26 0.38 -4.04 8.21
N THR A 27 0.44 -5.16 7.49
CA THR A 27 0.78 -6.47 8.03
C THR A 27 1.40 -7.43 6.97
N PRO A 28 1.05 -7.33 5.64
CA PRO A 28 1.58 -8.23 4.60
C PRO A 28 2.82 -7.65 3.86
N PRO A 29 3.39 -8.36 2.82
CA PRO A 29 4.56 -7.85 2.04
C PRO A 29 4.28 -6.55 1.24
N TYR A 30 3.80 -5.54 1.97
CA TYR A 30 3.50 -4.21 1.43
C TYR A 30 3.94 -3.18 2.44
N CYS A 31 3.84 -3.57 3.72
CA CYS A 31 4.27 -2.73 4.85
C CYS A 31 5.04 -3.54 5.86
N GLY A 32 5.26 -4.81 5.51
CA GLY A 32 6.00 -5.70 6.35
C GLY A 32 6.95 -6.53 5.53
N ALA A 33 7.90 -5.84 4.87
CA ALA A 33 8.92 -6.44 3.98
C ALA A 33 8.28 -6.88 2.66
N GLY A 34 8.47 -6.06 1.64
CA GLY A 34 7.93 -6.33 0.32
C GLY A 34 8.21 -5.21 -0.64
N GLN A 35 7.38 -4.15 -0.56
CA GLN A 35 7.51 -2.96 -1.42
C GLN A 35 6.88 -1.75 -0.73
N CYS A 36 7.51 -1.32 0.38
CA CYS A 36 7.02 -0.18 1.16
C CYS A 36 7.47 1.17 0.60
N GLN A 37 6.48 1.99 0.19
CA GLN A 37 6.74 3.33 -0.33
C GLN A 37 6.38 4.40 0.72
N SER A 38 5.19 4.27 1.31
CA SER A 38 4.69 5.22 2.31
C SER A 38 5.26 4.94 3.71
N GLN A 39 5.06 3.71 4.17
CA GLN A 39 5.55 3.27 5.49
C GLN A 39 6.05 1.84 5.43
N CYS A 40 7.09 1.55 6.22
CA CYS A 40 7.69 0.22 6.28
C CYS A 40 7.76 -0.29 7.72
#